data_2V65
#
_entry.id   2V65
#
_cell.length_a   113.790
_cell.length_b   113.790
_cell.length_c   109.900
_cell.angle_alpha   90.00
_cell.angle_beta   90.00
_cell.angle_gamma   90.00
#
_symmetry.space_group_name_H-M   'C 2 2 2'
#
loop_
_entity.id
_entity.type
_entity.pdbx_description
1 polymer 'L-LACTATE DEHYDROGENASE A CHAIN'
2 water water
#
_entity_poly.entity_id   1
_entity_poly.type   'polypeptide(L)'
_entity_poly.pdbx_seq_one_letter_code
;MSTKEKLISHVMKEEPVGSRSKVTVVGVGMVGMASAISILLKDLCDELAMVDVMEDKLKGEVMDLQHGSLFLKTKIVGDK
DYSVTANSKVVVVTAGARQQEGESRLNLVQRNVNIFKFIIPNIVKYSPNCILMVVSNPVDILTYVAWKLSGFPRHRVIGS
GTNLDSARFRHLIGEKLHLHPSSCHAWIVGEHGDSSVPVWSGVNVAGVSLQGLNPQMGTEGDGENWKAIHKEVVDGAYEV
IKLKGYTSWAIGMSVADLVESIIKNMHKVHPVSTLVQGMHGVKDEVFLSVPCVLGNSGLTDVIHMTLKAEEEKQLQKSAE
TLWGVQKELTL
;
_entity_poly.pdbx_strand_id   A,B
#
# COMPACT_ATOMS: atom_id res chain seq x y z
N SER A 2 49.05 30.37 38.46
CA SER A 2 47.88 30.82 37.67
C SER A 2 46.67 31.01 38.57
N THR A 3 45.53 31.40 37.98
CA THR A 3 44.33 31.64 38.77
C THR A 3 43.75 30.31 39.24
N LYS A 4 43.70 29.34 38.34
CA LYS A 4 43.12 28.04 38.70
C LYS A 4 43.77 27.49 39.98
N GLU A 5 45.09 27.47 39.97
CA GLU A 5 45.88 27.06 41.11
C GLU A 5 45.68 27.85 42.41
N LYS A 6 45.61 29.15 42.28
CA LYS A 6 45.37 29.91 43.48
C LYS A 6 44.02 29.49 44.07
N LEU A 7 43.09 29.07 43.21
CA LEU A 7 41.69 28.90 43.60
C LEU A 7 41.36 27.47 44.01
N ILE A 8 41.98 26.48 43.35
CA ILE A 8 41.60 25.09 43.52
C ILE A 8 42.78 24.16 43.84
N SER A 9 42.63 23.33 44.86
CA SER A 9 43.62 22.32 45.20
C SER A 9 43.04 20.92 45.07
N HIS A 10 43.67 20.09 44.25
CA HIS A 10 43.20 18.72 44.03
C HIS A 10 43.49 17.87 45.26
N VAL A 11 42.43 17.26 45.81
CA VAL A 11 42.57 16.47 47.02
C VAL A 11 42.25 15.00 46.78
N MET A 12 42.39 14.56 45.53
CA MET A 12 42.20 13.15 45.24
C MET A 12 43.47 12.52 44.64
N LYS A 13 43.99 11.55 45.38
CA LYS A 13 45.23 10.89 45.02
C LYS A 13 45.07 10.01 43.79
N GLU A 14 44.02 9.20 43.76
CA GLU A 14 43.88 8.22 42.69
C GLU A 14 43.13 8.73 41.46
N GLU A 15 43.32 8.05 40.34
CA GLU A 15 42.69 8.46 39.08
C GLU A 15 41.17 8.41 39.14
N PRO A 16 40.52 9.39 38.51
CA PRO A 16 39.06 9.44 38.49
C PRO A 16 38.47 8.16 37.90
N VAL A 17 37.29 7.75 38.37
CA VAL A 17 36.69 6.53 37.87
C VAL A 17 36.15 6.73 36.47
N GLY A 18 36.00 7.97 36.01
CA GLY A 18 35.48 8.14 34.67
C GLY A 18 33.98 7.89 34.49
N SER A 19 33.49 8.26 33.32
CA SER A 19 32.06 8.23 33.04
C SER A 19 31.46 6.83 33.17
N ARG A 20 30.19 6.76 33.57
CA ARG A 20 29.57 5.47 33.83
C ARG A 20 28.26 5.22 33.08
N SER A 21 27.73 6.26 32.44
CA SER A 21 26.48 6.14 31.70
C SER A 21 26.74 6.61 30.28
N LYS A 22 27.98 6.40 29.82
CA LYS A 22 28.39 6.95 28.55
C LYS A 22 27.64 6.36 27.36
N VAL A 23 27.06 7.25 26.57
CA VAL A 23 26.39 6.88 25.34
C VAL A 23 27.11 7.53 24.17
N THR A 24 27.21 6.78 23.08
CA THR A 24 27.78 7.30 21.86
C THR A 24 26.72 7.26 20.76
N VAL A 25 26.60 8.36 20.02
CA VAL A 25 25.74 8.37 18.85
C VAL A 25 26.62 8.40 17.61
N VAL A 26 26.59 7.33 16.83
CA VAL A 26 27.30 7.29 15.57
C VAL A 26 26.47 7.97 14.49
N GLY A 27 26.99 9.08 13.96
CA GLY A 27 26.32 9.78 12.88
C GLY A 27 25.76 11.13 13.25
N VAL A 28 26.13 12.19 12.52
CA VAL A 28 25.58 13.49 12.84
C VAL A 28 24.67 14.11 11.77
N GLY A 29 23.98 13.25 11.02
CA GLY A 29 22.82 13.70 10.29
C GLY A 29 21.73 14.12 11.25
N MET A 30 20.59 14.57 10.75
CA MET A 30 19.52 15.04 11.61
C MET A 30 18.98 13.96 12.57
N VAL A 31 19.16 12.69 12.22
CA VAL A 31 18.70 11.63 13.11
C VAL A 31 19.59 11.47 14.33
N GLY A 32 20.90 11.59 14.11
CA GLY A 32 21.84 11.57 15.23
C GLY A 32 21.66 12.75 16.17
N MET A 33 21.51 13.94 15.61
CA MET A 33 21.40 15.14 16.45
C MET A 33 20.10 15.13 17.24
N ALA A 34 19.02 14.72 16.59
CA ALA A 34 17.74 14.55 17.25
C ALA A 34 17.79 13.47 18.32
N SER A 35 18.60 12.43 18.10
CA SER A 35 18.83 11.44 19.15
C SER A 35 19.64 12.07 20.26
N ALA A 36 20.68 12.80 19.89
CA ALA A 36 21.60 13.39 20.87
C ALA A 36 20.96 14.49 21.70
N ILE A 37 20.22 15.36 21.06
CA ILE A 37 19.64 16.43 21.84
C ILE A 37 18.53 15.94 22.73
N SER A 38 17.76 14.94 22.29
CA SER A 38 16.76 14.33 23.15
C SER A 38 17.35 13.61 24.36
N ILE A 39 18.48 12.92 24.17
CA ILE A 39 19.21 12.25 25.25
C ILE A 39 19.76 13.24 26.27
N LEU A 40 20.28 14.35 25.77
CA LEU A 40 20.84 15.37 26.64
C LEU A 40 19.73 16.09 27.41
N LEU A 41 18.59 16.38 26.76
CA LEU A 41 17.51 17.22 27.33
C LEU A 41 16.81 16.45 28.43
N LYS A 42 17.05 15.17 28.41
CA LYS A 42 16.38 14.41 29.40
C LYS A 42 17.29 13.94 30.48
N ASP A 43 18.52 14.45 30.57
CA ASP A 43 19.43 13.83 31.54
C ASP A 43 19.41 12.29 31.65
N LEU A 44 19.96 11.64 30.63
CA LEU A 44 19.99 10.20 30.63
C LEU A 44 21.36 9.59 30.83
N CYS A 45 22.41 10.37 30.55
CA CYS A 45 23.77 9.85 30.69
C CYS A 45 24.76 10.88 31.20
N ASP A 46 25.91 10.42 31.68
CA ASP A 46 26.91 11.33 32.21
C ASP A 46 27.94 11.76 31.17
N GLU A 47 27.85 11.14 29.99
CA GLU A 47 28.71 11.53 28.86
C GLU A 47 28.10 11.11 27.52
N LEU A 48 28.01 12.06 26.59
CA LEU A 48 27.51 11.78 25.26
C LEU A 48 28.62 12.04 24.23
N ALA A 49 28.96 11.01 23.47
CA ALA A 49 30.00 11.11 22.46
C ALA A 49 29.39 11.04 21.07
N MET A 50 29.93 11.82 20.14
CA MET A 50 29.51 11.74 18.76
C MET A 50 30.64 11.33 17.82
N VAL A 51 30.29 10.77 16.67
CA VAL A 51 31.28 10.29 15.72
C VAL A 51 30.70 10.17 14.33
N ASP A 52 31.49 10.53 13.34
CA ASP A 52 31.03 10.55 11.96
C ASP A 52 32.27 10.81 11.09
N VAL A 53 32.23 10.39 9.83
CA VAL A 53 33.38 10.57 8.94
C VAL A 53 33.49 12.01 8.48
N MET A 54 32.37 12.72 8.47
CA MET A 54 32.38 14.13 8.08
C MET A 54 32.86 15.00 9.23
N GLU A 55 34.19 15.10 9.36
CA GLU A 55 34.82 15.74 10.52
C GLU A 55 34.34 17.16 10.80
N ASP A 56 34.28 18.02 9.79
CA ASP A 56 33.84 19.40 9.99
C ASP A 56 32.41 19.47 10.51
N LYS A 57 31.51 18.74 9.86
CA LYS A 57 30.11 18.75 10.26
C LYS A 57 30.02 18.32 11.72
N LEU A 58 30.77 17.29 12.06
CA LEU A 58 30.82 16.77 13.42
C LEU A 58 31.25 17.83 14.43
N LYS A 59 32.41 18.43 14.18
CA LYS A 59 32.95 19.44 15.09
C LYS A 59 31.97 20.61 15.26
N GLY A 60 31.14 20.94 14.25
CA GLY A 60 30.20 22.05 14.40
C GLY A 60 29.00 21.71 15.27
N GLU A 61 28.49 20.49 15.08
CA GLU A 61 27.46 19.93 15.94
C GLU A 61 27.92 19.85 17.39
N VAL A 62 29.10 19.28 17.60
CA VAL A 62 29.58 19.03 18.95
C VAL A 62 29.99 20.31 19.67
N MET A 63 30.56 21.26 18.93
CA MET A 63 30.87 22.57 19.48
C MET A 63 29.57 23.27 19.90
N ASP A 64 28.53 23.13 19.08
CA ASP A 64 27.27 23.81 19.33
C ASP A 64 26.63 23.30 20.62
N LEU A 65 26.58 21.97 20.78
CA LEU A 65 26.02 21.36 21.99
C LEU A 65 26.96 21.65 23.19
N GLN A 66 28.27 21.66 22.99
CA GLN A 66 29.10 22.04 24.13
C GLN A 66 28.71 23.42 24.65
N HIS A 67 28.33 24.33 23.75
CA HIS A 67 28.01 25.69 24.14
C HIS A 67 26.76 25.80 25.04
N GLY A 68 25.88 24.81 25.03
CA GLY A 68 24.78 24.77 26.00
C GLY A 68 25.03 24.01 27.30
N SER A 69 26.28 23.62 27.57
CA SER A 69 26.56 22.82 28.77
C SER A 69 25.97 23.35 30.08
N LEU A 70 25.55 24.61 30.10
CA LEU A 70 25.00 25.21 31.32
C LEU A 70 23.62 24.65 31.65
N PHE A 71 22.86 24.33 30.62
CA PHE A 71 21.50 23.90 30.84
C PHE A 71 21.46 22.38 30.86
N LEU A 72 22.63 21.77 30.95
CA LEU A 72 22.71 20.33 30.83
C LEU A 72 23.52 19.71 31.93
N LYS A 73 23.61 18.40 31.85
CA LYS A 73 24.22 17.65 32.91
C LYS A 73 25.07 16.53 32.32
N THR A 74 25.51 16.71 31.08
CA THR A 74 26.27 15.65 30.49
C THR A 74 27.53 16.25 29.94
N LYS A 75 28.63 15.53 30.02
CA LYS A 75 29.84 15.92 29.33
C LYS A 75 29.72 15.58 27.84
N ILE A 76 30.10 16.50 26.96
CA ILE A 76 29.95 16.23 25.55
C ILE A 76 31.25 16.18 24.79
N VAL A 77 31.48 15.04 24.12
CA VAL A 77 32.64 14.85 23.26
C VAL A 77 32.25 14.44 21.85
N GLY A 78 33.18 14.61 20.92
CA GLY A 78 32.92 14.27 19.53
C GLY A 78 34.21 14.29 18.74
N ASP A 79 34.49 13.21 18.02
CA ASP A 79 35.70 13.13 17.21
C ASP A 79 35.54 12.09 16.11
N LYS A 80 36.42 12.18 15.11
CA LYS A 80 36.39 11.27 13.97
C LYS A 80 37.04 9.95 14.40
N ASP A 81 38.09 10.05 15.20
CA ASP A 81 38.70 8.85 15.76
C ASP A 81 37.80 8.21 16.81
N TYR A 82 37.67 6.89 16.73
CA TYR A 82 36.74 6.15 17.58
C TYR A 82 37.22 5.90 19.00
N SER A 83 38.41 6.39 19.36
CA SER A 83 38.83 6.28 20.75
C SER A 83 38.02 7.25 21.61
N VAL A 84 37.33 8.17 20.95
CA VAL A 84 36.47 9.13 21.63
C VAL A 84 35.20 8.44 22.14
N THR A 85 34.82 7.33 21.50
CA THR A 85 33.64 6.58 21.90
C THR A 85 33.92 5.58 23.03
N ALA A 86 35.18 5.48 23.43
CA ALA A 86 35.58 4.47 24.40
C ALA A 86 34.68 4.41 25.64
N ASN A 87 34.44 3.19 26.12
CA ASN A 87 33.71 2.93 27.36
C ASN A 87 32.25 3.38 27.36
N SER A 88 31.61 3.32 26.20
CA SER A 88 30.18 3.60 26.10
C SER A 88 29.36 2.45 26.68
N LYS A 89 28.20 2.76 27.25
CA LYS A 89 27.27 1.71 27.67
C LYS A 89 26.35 1.39 26.50
N VAL A 90 26.01 2.43 25.74
CA VAL A 90 25.11 2.27 24.60
C VAL A 90 25.72 2.95 23.38
N VAL A 91 25.61 2.31 22.22
CA VAL A 91 26.05 2.94 20.99
C VAL A 91 24.93 2.94 19.97
N VAL A 92 24.36 4.12 19.75
CA VAL A 92 23.26 4.23 18.83
C VAL A 92 23.79 4.55 17.44
N VAL A 93 23.63 3.58 16.55
CA VAL A 93 24.14 3.65 15.19
C VAL A 93 23.10 4.26 14.27
N THR A 94 23.41 5.40 13.66
CA THR A 94 22.44 6.07 12.79
C THR A 94 22.95 6.32 11.39
N ALA A 95 24.21 6.01 11.10
CA ALA A 95 24.76 6.22 9.76
C ALA A 95 24.13 5.34 8.66
N GLY A 96 24.03 5.92 7.46
CA GLY A 96 23.01 5.61 6.45
C GLY A 96 23.38 5.75 4.94
N ALA A 97 22.37 5.64 4.04
CA ALA A 97 22.52 5.58 2.59
C ALA A 97 22.37 6.89 1.82
N GLY A 102 17.56 5.79 -9.09
CA GLY A 102 17.31 4.43 -9.54
C GLY A 102 18.34 3.48 -8.97
N GLU A 103 17.88 2.41 -8.32
CA GLU A 103 18.78 1.46 -7.66
C GLU A 103 18.01 0.35 -6.97
N SER A 104 18.62 -0.83 -6.92
CA SER A 104 18.01 -2.01 -6.32
C SER A 104 18.14 -2.08 -4.80
N ARG A 105 17.14 -2.68 -4.15
CA ARG A 105 17.15 -2.72 -2.69
C ARG A 105 18.38 -3.49 -2.27
N LEU A 106 18.67 -4.63 -2.90
CA LEU A 106 19.90 -5.43 -2.67
C LEU A 106 21.14 -4.59 -2.52
N ASN A 107 21.25 -3.69 -3.47
CA ASN A 107 22.46 -2.93 -3.63
C ASN A 107 22.47 -1.74 -2.70
N LEU A 108 21.31 -1.14 -2.46
CA LEU A 108 21.22 -0.09 -1.46
C LEU A 108 21.56 -0.66 -0.09
N VAL A 109 21.28 -1.94 0.08
CA VAL A 109 21.54 -2.64 1.35
C VAL A 109 23.02 -2.90 1.49
N GLN A 110 23.62 -3.42 0.42
CA GLN A 110 25.06 -3.70 0.43
C GLN A 110 25.88 -2.45 0.77
N ARG A 111 25.52 -1.30 0.23
CA ARG A 111 26.24 -0.07 0.55
C ARG A 111 26.11 0.21 2.05
N ASN A 112 24.89 0.17 2.57
CA ASN A 112 24.70 0.39 4.00
C ASN A 112 25.50 -0.62 4.80
N VAL A 113 25.65 -1.83 4.26
CA VAL A 113 26.46 -2.86 4.93
C VAL A 113 27.97 -2.60 4.82
N ASN A 114 28.40 -1.97 3.72
CA ASN A 114 29.78 -1.54 3.60
C ASN A 114 30.06 -0.53 4.69
N ILE A 115 29.12 0.40 4.88
CA ILE A 115 29.25 1.41 5.90
C ILE A 115 29.40 0.77 7.26
N PHE A 116 28.60 -0.26 7.53
CA PHE A 116 28.64 -0.90 8.84
C PHE A 116 29.99 -1.63 9.00
N LYS A 117 30.56 -2.13 7.90
CA LYS A 117 31.82 -2.87 8.01
C LYS A 117 32.97 -2.02 8.58
N PHE A 118 33.01 -0.74 8.23
CA PHE A 118 34.01 0.17 8.81
C PHE A 118 33.68 0.52 10.26
N ILE A 119 32.41 0.78 10.53
CA ILE A 119 32.01 1.36 11.81
C ILE A 119 32.10 0.31 12.91
N ILE A 120 31.53 -0.85 12.68
CA ILE A 120 31.29 -1.76 13.80
C ILE A 120 32.57 -2.16 14.50
N PRO A 121 33.57 -2.59 13.73
CA PRO A 121 34.85 -2.99 14.31
C PRO A 121 35.50 -1.95 15.20
N ASN A 122 35.38 -0.68 14.84
CA ASN A 122 36.00 0.35 15.68
C ASN A 122 35.23 0.58 16.97
N ILE A 123 33.90 0.40 16.89
CA ILE A 123 33.03 0.46 18.05
C ILE A 123 33.34 -0.68 19.02
N VAL A 124 33.44 -1.89 18.49
CA VAL A 124 33.73 -3.07 19.30
C VAL A 124 35.09 -2.93 19.97
N LYS A 125 35.98 -2.22 19.30
CA LYS A 125 37.37 -2.09 19.72
C LYS A 125 37.48 -1.25 20.99
N TYR A 126 36.71 -0.18 21.08
CA TYR A 126 36.76 0.68 22.24
C TYR A 126 35.62 0.50 23.23
N SER A 127 34.62 -0.28 22.84
CA SER A 127 33.50 -0.56 23.73
C SER A 127 33.06 -2.02 23.67
N PRO A 128 33.98 -2.93 24.03
CA PRO A 128 33.79 -4.38 23.98
C PRO A 128 32.53 -4.89 24.66
N ASN A 129 32.05 -4.15 25.65
CA ASN A 129 30.89 -4.58 26.40
C ASN A 129 29.67 -3.68 26.18
N CYS A 130 29.72 -2.86 25.13
CA CYS A 130 28.61 -1.95 24.85
C CYS A 130 27.38 -2.66 24.33
N ILE A 131 26.24 -2.01 24.46
CA ILE A 131 25.04 -2.48 23.82
C ILE A 131 24.85 -1.67 22.54
N LEU A 132 24.63 -2.38 21.42
CA LEU A 132 24.37 -1.72 20.15
C LEU A 132 22.87 -1.54 19.98
N MET A 133 22.47 -0.33 19.59
CA MET A 133 21.09 -0.04 19.23
C MET A 133 21.08 0.51 17.81
N VAL A 134 20.64 -0.35 16.89
CA VAL A 134 20.67 -0.01 15.51
C VAL A 134 19.44 0.71 15.09
N VAL A 135 19.69 1.80 14.41
CA VAL A 135 18.63 2.67 14.06
C VAL A 135 18.52 2.88 12.54
N SER A 136 19.61 2.82 11.76
CA SER A 136 19.47 3.15 10.32
C SER A 136 18.69 2.13 9.45
N ASN A 137 17.99 2.63 8.44
CA ASN A 137 17.14 1.79 7.60
C ASN A 137 17.87 1.15 6.43
N PRO A 138 17.50 -0.08 6.07
CA PRO A 138 16.47 -0.84 6.80
C PRO A 138 17.05 -1.30 8.13
N VAL A 139 16.22 -1.32 9.17
CA VAL A 139 16.70 -1.66 10.50
C VAL A 139 16.74 -3.17 10.82
N ASP A 140 15.83 -3.95 10.26
CA ASP A 140 15.78 -5.39 10.62
C ASP A 140 17.00 -6.16 10.12
N ILE A 141 17.27 -6.04 8.84
CA ILE A 141 18.47 -6.64 8.29
C ILE A 141 19.73 -5.99 8.89
N LEU A 142 19.73 -4.68 9.02
CA LEU A 142 20.91 -4.00 9.52
C LEU A 142 21.25 -4.32 10.98
N THR A 143 20.27 -4.58 11.83
CA THR A 143 20.60 -5.00 13.18
C THR A 143 21.28 -6.36 13.10
N TYR A 144 20.78 -7.21 12.21
CA TYR A 144 21.35 -8.52 11.95
C TYR A 144 22.83 -8.42 11.56
N VAL A 145 23.08 -7.58 10.57
CA VAL A 145 24.43 -7.31 10.09
C VAL A 145 25.33 -6.94 11.26
N ALA A 146 24.89 -5.98 12.06
CA ALA A 146 25.67 -5.51 13.18
C ALA A 146 25.95 -6.65 14.15
N TRP A 147 24.99 -7.56 14.29
CA TRP A 147 25.08 -8.65 15.25
C TRP A 147 26.12 -9.70 14.88
N LYS A 148 26.11 -10.19 13.65
CA LYS A 148 27.10 -11.21 13.28
C LYS A 148 28.42 -10.52 12.99
N LEU A 149 28.31 -9.28 12.51
CA LEU A 149 29.46 -8.49 12.12
C LEU A 149 30.09 -7.84 13.34
N SER A 150 29.64 -8.22 14.53
CA SER A 150 30.16 -7.66 15.77
C SER A 150 30.57 -8.72 16.76
N GLY A 151 29.97 -9.89 16.67
CA GLY A 151 30.33 -10.98 17.57
C GLY A 151 29.61 -11.00 18.91
N PHE A 152 28.85 -9.95 19.20
CA PHE A 152 28.18 -9.80 20.48
C PHE A 152 27.11 -10.85 20.66
N PRO A 153 26.83 -11.19 21.92
CA PRO A 153 25.73 -12.07 22.28
C PRO A 153 24.40 -11.41 21.92
N ARG A 154 23.46 -12.22 21.44
CA ARG A 154 22.17 -11.74 20.98
C ARG A 154 21.60 -10.59 21.79
N HIS A 155 21.85 -10.55 23.10
CA HIS A 155 21.20 -9.60 23.90
C HIS A 155 21.75 -8.22 23.91
N ARG A 156 22.98 -8.08 23.47
CA ARG A 156 23.57 -6.81 23.29
C ARG A 156 23.46 -6.24 21.89
N VAL A 157 22.59 -6.77 21.09
CA VAL A 157 22.38 -6.20 19.77
C VAL A 157 20.89 -6.01 19.47
N ILE A 158 20.47 -4.75 19.44
CA ILE A 158 19.06 -4.39 19.37
C ILE A 158 18.77 -3.48 18.19
N GLY A 159 17.63 -3.72 17.52
CA GLY A 159 17.18 -2.83 16.47
C GLY A 159 15.97 -2.04 16.94
N SER A 160 15.88 -0.79 16.53
CA SER A 160 14.82 0.07 17.01
C SER A 160 13.47 -0.33 16.42
N GLY A 161 13.51 -1.15 15.37
CA GLY A 161 12.33 -1.86 14.92
C GLY A 161 11.08 -1.00 14.74
N THR A 162 10.05 -1.32 15.51
CA THR A 162 8.75 -0.67 15.36
C THR A 162 8.40 0.22 16.55
N ASN A 163 9.41 0.70 17.26
CA ASN A 163 9.18 1.50 18.46
C ASN A 163 8.46 2.79 18.12
N LEU A 164 9.08 3.62 17.30
CA LEU A 164 8.43 4.87 16.86
C LEU A 164 7.08 4.63 16.15
N ASP A 165 6.97 3.61 15.32
CA ASP A 165 5.72 3.38 14.58
C ASP A 165 4.56 3.02 15.49
N SER A 166 4.88 2.22 16.51
CA SER A 166 3.92 1.88 17.56
C SER A 166 3.55 3.14 18.32
N ALA A 167 4.52 4.04 18.51
CA ALA A 167 4.29 5.30 19.19
C ALA A 167 3.37 6.16 18.34
N ARG A 168 3.74 6.29 17.07
CA ARG A 168 2.99 7.05 16.08
C ARG A 168 1.56 6.48 15.95
N PHE A 169 1.44 5.16 15.98
CA PHE A 169 0.17 4.46 15.93
C PHE A 169 -0.67 4.84 17.18
N ARG A 170 -0.02 4.97 18.33
CA ARG A 170 -0.76 5.30 19.54
C ARG A 170 -1.17 6.77 19.52
N HIS A 171 -0.33 7.61 18.93
CA HIS A 171 -0.62 9.03 18.78
C HIS A 171 -1.81 9.28 17.87
N LEU A 172 -1.84 8.59 16.74
CA LEU A 172 -2.93 8.72 15.78
C LEU A 172 -4.21 8.20 16.39
N ILE A 173 -4.14 7.06 17.07
CA ILE A 173 -5.31 6.56 17.77
C ILE A 173 -5.74 7.55 18.87
N GLY A 174 -4.81 8.24 19.51
CA GLY A 174 -5.22 9.22 20.50
C GLY A 174 -5.94 10.43 19.92
N GLU A 175 -5.56 10.83 18.72
CA GLU A 175 -6.21 11.98 18.09
C GLU A 175 -7.63 11.62 17.67
N LYS A 176 -7.82 10.41 17.15
CA LYS A 176 -9.17 9.98 16.79
C LYS A 176 -10.09 9.92 18.00
N LEU A 177 -9.54 9.53 19.16
CA LEU A 177 -10.33 9.33 20.36
C LEU A 177 -10.32 10.52 21.33
N HIS A 178 -9.42 11.46 21.11
CA HIS A 178 -9.25 12.61 22.01
C HIS A 178 -8.72 12.14 23.36
N LEU A 179 -7.72 11.27 23.31
CA LEU A 179 -7.07 10.75 24.51
C LEU A 179 -5.59 10.96 24.37
N HIS A 180 -4.87 11.16 25.48
CA HIS A 180 -3.42 11.26 25.38
C HIS A 180 -2.90 9.94 24.83
N PRO A 181 -1.80 9.99 24.05
CA PRO A 181 -1.20 8.78 23.48
C PRO A 181 -0.93 7.65 24.48
N SER A 182 -0.51 7.99 25.69
CA SER A 182 -0.14 6.95 26.63
C SER A 182 -1.33 6.18 27.16
N SER A 183 -2.54 6.66 26.91
CA SER A 183 -3.74 5.94 27.34
C SER A 183 -4.30 5.03 26.25
N CYS A 184 -3.78 5.18 25.04
CA CYS A 184 -4.14 4.28 23.94
C CYS A 184 -3.03 3.27 23.70
N HIS A 185 -3.37 1.99 23.84
CA HIS A 185 -2.37 0.95 23.73
C HIS A 185 -2.57 0.16 22.46
N ALA A 186 -1.51 0.03 21.69
CA ALA A 186 -1.56 -0.68 20.41
C ALA A 186 -0.18 -1.04 19.92
N TRP A 187 -0.06 -2.21 19.30
CA TRP A 187 1.23 -2.71 18.90
C TRP A 187 1.37 -3.03 17.42
N ILE A 188 2.48 -2.59 16.86
CA ILE A 188 2.84 -2.96 15.50
C ILE A 188 4.13 -3.76 15.57
N VAL A 189 4.12 -4.93 14.95
CA VAL A 189 5.28 -5.82 15.00
C VAL A 189 5.75 -6.30 13.62
N GLY A 190 6.77 -7.16 13.62
CA GLY A 190 7.26 -7.73 12.38
C GLY A 190 8.33 -6.91 11.68
N GLU A 191 8.30 -6.94 10.35
CA GLU A 191 9.27 -6.22 9.54
C GLU A 191 8.82 -4.76 9.44
N HIS A 192 9.70 -3.87 9.84
CA HIS A 192 9.41 -2.46 9.86
C HIS A 192 9.16 -1.81 8.47
N GLY A 193 8.06 -1.08 8.35
CA GLY A 193 7.72 -0.54 7.06
C GLY A 193 6.43 -1.18 6.54
N ASP A 194 6.29 -1.16 5.22
CA ASP A 194 5.11 -1.64 4.53
C ASP A 194 4.48 -2.94 5.05
N SER A 195 5.31 -3.89 5.45
CA SER A 195 4.80 -5.21 5.81
C SER A 195 4.60 -5.45 7.30
N SER A 196 4.57 -4.39 8.11
CA SER A 196 4.41 -4.56 9.55
C SER A 196 3.00 -4.98 9.93
N VAL A 197 2.87 -5.57 11.12
CA VAL A 197 1.60 -6.12 11.58
C VAL A 197 1.00 -5.30 12.71
N PRO A 198 -0.13 -4.67 12.44
CA PRO A 198 -0.88 -3.95 13.48
C PRO A 198 -1.77 -4.95 14.20
N VAL A 199 -1.49 -5.25 15.46
CA VAL A 199 -2.16 -6.35 16.12
C VAL A 199 -3.49 -5.83 16.71
N TRP A 200 -4.55 -5.99 15.94
CA TRP A 200 -5.82 -5.39 16.32
C TRP A 200 -6.38 -5.91 17.62
N SER A 201 -6.09 -7.17 17.97
CA SER A 201 -6.65 -7.74 19.21
C SER A 201 -6.08 -7.09 20.49
N GLY A 202 -4.94 -6.44 20.37
CA GLY A 202 -4.34 -5.81 21.53
C GLY A 202 -4.63 -4.33 21.63
N VAL A 203 -5.36 -3.78 20.65
CA VAL A 203 -5.69 -2.36 20.70
C VAL A 203 -6.80 -2.07 21.70
N ASN A 204 -6.44 -1.39 22.78
CA ASN A 204 -7.36 -1.18 23.89
C ASN A 204 -7.12 0.18 24.52
N VAL A 205 -8.17 0.72 25.13
CA VAL A 205 -8.02 1.81 26.07
C VAL A 205 -8.45 1.27 27.41
N ALA A 206 -7.55 1.35 28.40
CA ALA A 206 -7.81 0.88 29.74
C ALA A 206 -8.32 -0.56 29.74
N GLY A 207 -7.60 -1.44 29.04
CA GLY A 207 -7.94 -2.86 29.01
C GLY A 207 -9.22 -3.17 28.25
N VAL A 208 -9.86 -2.16 27.67
CA VAL A 208 -11.08 -2.41 26.91
C VAL A 208 -10.76 -2.62 25.44
N SER A 209 -10.93 -3.86 24.99
CA SER A 209 -10.62 -4.23 23.62
C SER A 209 -11.43 -3.41 22.64
N LEU A 210 -10.74 -2.71 21.75
CA LEU A 210 -11.40 -1.93 20.71
C LEU A 210 -12.02 -2.82 19.64
N GLN A 211 -11.22 -3.76 19.13
CA GLN A 211 -11.73 -4.78 18.23
C GLN A 211 -12.95 -5.44 18.86
N GLY A 212 -12.95 -5.51 20.19
CA GLY A 212 -14.12 -6.02 20.86
C GLY A 212 -15.37 -5.21 20.55
N LEU A 213 -15.22 -3.90 20.41
CA LEU A 213 -16.35 -3.01 20.17
C LEU A 213 -16.63 -2.90 18.68
N ASN A 214 -15.57 -3.13 17.90
CA ASN A 214 -15.67 -3.10 16.45
C ASN A 214 -15.02 -4.32 15.87
N PRO A 215 -15.77 -5.43 15.76
CA PRO A 215 -15.23 -6.71 15.30
C PRO A 215 -14.54 -6.71 13.94
N GLN A 216 -14.89 -5.77 13.08
CA GLN A 216 -14.30 -5.71 11.74
C GLN A 216 -13.02 -4.90 11.67
N MET A 217 -12.58 -4.39 12.82
CA MET A 217 -11.41 -3.53 12.87
C MET A 217 -10.25 -4.08 12.03
N GLY A 218 -9.85 -3.33 11.01
CA GLY A 218 -8.69 -3.68 10.22
C GLY A 218 -9.04 -4.40 8.94
N THR A 219 -10.29 -4.84 8.81
CA THR A 219 -10.70 -5.61 7.63
C THR A 219 -11.46 -4.72 6.65
N GLU A 220 -11.72 -5.30 5.48
CA GLU A 220 -12.56 -4.70 4.45
C GLU A 220 -14.02 -4.58 4.92
N GLY A 221 -14.46 -5.34 5.94
CA GLY A 221 -15.80 -5.03 6.44
C GLY A 221 -15.94 -3.88 7.43
N ASP A 222 -14.85 -3.16 7.67
CA ASP A 222 -14.79 -2.17 8.73
C ASP A 222 -15.44 -0.88 8.31
N GLY A 223 -16.38 -0.42 9.12
CA GLY A 223 -16.99 0.81 8.70
C GLY A 223 -16.20 2.02 9.10
N GLU A 224 -14.99 1.87 9.67
CA GLU A 224 -14.25 3.07 10.11
C GLU A 224 -12.81 3.10 9.60
N ASN A 225 -12.44 2.15 8.76
CA ASN A 225 -11.12 2.15 8.13
C ASN A 225 -9.97 2.30 9.13
N TRP A 226 -9.92 1.40 10.11
CA TRP A 226 -8.80 1.38 11.03
C TRP A 226 -7.53 0.95 10.31
N LYS A 227 -7.67 0.21 9.23
CA LYS A 227 -6.51 -0.19 8.43
C LYS A 227 -5.74 1.02 7.91
N ALA A 228 -6.45 2.07 7.52
CA ALA A 228 -5.82 3.28 6.98
C ALA A 228 -4.95 3.98 8.01
N ILE A 229 -5.30 3.84 9.29
CA ILE A 229 -4.48 4.40 10.36
C ILE A 229 -3.10 3.75 10.31
N HIS A 230 -3.08 2.43 10.24
CA HIS A 230 -1.83 1.71 10.13
C HIS A 230 -1.04 2.19 8.92
N LYS A 231 -1.70 2.24 7.77
CA LYS A 231 -1.02 2.70 6.55
C LYS A 231 -0.43 4.11 6.74
N GLU A 232 -1.17 4.96 7.44
CA GLU A 232 -0.68 6.30 7.79
C GLU A 232 0.62 6.24 8.63
N VAL A 233 0.65 5.36 9.62
CA VAL A 233 1.86 5.18 10.42
C VAL A 233 3.07 4.83 9.57
N VAL A 234 2.89 3.95 8.59
CA VAL A 234 4.02 3.52 7.77
C VAL A 234 4.38 4.49 6.65
N ASP A 235 3.39 5.27 6.21
CA ASP A 235 3.65 6.32 5.23
C ASP A 235 4.21 7.55 5.93
N GLY A 236 4.43 7.40 7.24
CA GLY A 236 4.84 8.53 8.06
C GLY A 236 6.09 9.25 7.58
N ALA A 237 7.21 8.53 7.56
CA ALA A 237 8.50 9.10 7.16
C ALA A 237 8.46 9.67 5.75
N TYR A 238 7.77 9.00 4.85
CA TYR A 238 7.62 9.48 3.48
C TYR A 238 6.86 10.82 3.39
N GLU A 239 5.74 10.95 4.12
CA GLU A 239 4.95 12.17 4.06
C GLU A 239 5.71 13.38 4.64
N VAL A 240 6.53 13.14 5.67
CA VAL A 240 7.22 14.24 6.37
C VAL A 240 8.37 14.72 5.52
N ILE A 241 8.99 13.76 4.83
CA ILE A 241 10.17 14.08 4.07
C ILE A 241 9.68 14.68 2.79
N LYS A 242 8.44 14.37 2.43
CA LYS A 242 7.94 14.90 1.19
C LYS A 242 7.40 16.28 1.50
N LEU A 243 7.87 16.82 2.63
CA LEU A 243 7.36 18.07 3.13
C LEU A 243 8.43 19.02 3.62
N LYS A 244 9.40 18.50 4.38
CA LYS A 244 10.44 19.37 4.90
C LYS A 244 11.80 18.83 4.50
N GLY A 245 11.78 17.71 3.78
CA GLY A 245 12.99 17.22 3.12
C GLY A 245 13.86 16.38 4.03
N TYR A 246 13.33 15.93 5.15
CA TYR A 246 14.02 15.02 6.10
C TYR A 246 13.08 14.46 7.20
N THR A 247 13.49 13.49 7.98
CA THR A 247 12.84 13.12 9.20
C THR A 247 13.80 12.95 10.33
N SER A 248 13.39 13.30 11.59
CA SER A 248 14.27 13.35 12.75
C SER A 248 13.62 13.39 14.12
N TRP A 249 12.73 14.33 14.34
CA TRP A 249 12.24 14.57 15.67
C TRP A 249 11.61 13.39 16.40
N ALA A 250 10.65 12.72 15.77
CA ALA A 250 10.00 11.62 16.41
C ALA A 250 10.94 10.49 16.69
N ILE A 251 11.91 10.27 15.81
CA ILE A 251 12.85 9.17 15.90
C ILE A 251 13.79 9.38 17.02
N GLY A 252 14.26 10.64 17.09
CA GLY A 252 15.17 11.02 18.16
C GLY A 252 14.54 10.82 19.54
N MET A 253 13.23 11.09 19.64
CA MET A 253 12.53 10.99 20.95
C MET A 253 12.31 9.52 21.31
N SER A 254 12.07 8.72 20.28
CA SER A 254 11.89 7.29 20.43
C SER A 254 13.22 6.62 20.74
N VAL A 255 14.32 7.20 20.27
CA VAL A 255 15.64 6.68 20.62
C VAL A 255 15.96 6.93 22.10
N ALA A 256 15.70 8.14 22.57
CA ALA A 256 15.97 8.49 23.96
C ALA A 256 15.09 7.70 24.91
N ASP A 257 13.87 7.42 24.47
CA ASP A 257 12.98 6.56 25.21
C ASP A 257 13.62 5.16 25.35
N LEU A 258 14.05 4.58 24.23
CA LEU A 258 14.74 3.30 24.27
C LEU A 258 16.00 3.35 25.15
N VAL A 259 16.76 4.42 25.04
CA VAL A 259 17.99 4.52 25.80
C VAL A 259 17.74 4.66 27.30
N GLU A 260 16.71 5.43 27.68
CA GLU A 260 16.42 5.58 29.10
C GLU A 260 16.08 4.24 29.73
N SER A 261 15.31 3.43 29.02
CA SER A 261 14.95 2.11 29.54
C SER A 261 16.17 1.24 29.77
N ILE A 262 17.17 1.38 28.92
CA ILE A 262 18.38 0.58 29.08
C ILE A 262 19.26 1.09 30.21
N ILE A 263 19.57 2.38 30.19
CA ILE A 263 20.48 2.91 31.19
C ILE A 263 19.93 2.95 32.61
N LYS A 264 18.62 3.11 32.77
CA LYS A 264 18.07 3.03 34.13
C LYS A 264 17.63 1.61 34.51
N ASN A 265 17.83 0.64 33.62
CA ASN A 265 17.56 -0.76 33.94
C ASN A 265 16.10 -0.99 34.35
N MET A 266 15.17 -0.44 33.57
CA MET A 266 13.76 -0.43 33.94
C MET A 266 12.99 -1.74 33.65
N HIS A 267 13.60 -2.65 32.92
CA HIS A 267 12.91 -3.87 32.51
C HIS A 267 11.56 -3.53 31.86
N LYS A 268 11.59 -2.57 30.97
CA LYS A 268 10.38 -2.03 30.36
C LYS A 268 10.13 -2.75 29.03
N VAL A 269 8.89 -2.80 28.58
CA VAL A 269 8.59 -3.50 27.33
C VAL A 269 8.48 -2.58 26.11
N HIS A 270 9.37 -2.81 25.15
CA HIS A 270 9.39 -2.05 23.92
C HIS A 270 9.34 -3.00 22.74
N PRO A 271 8.61 -2.62 21.70
CA PRO A 271 8.58 -3.39 20.46
C PRO A 271 9.89 -2.97 19.78
N VAL A 272 10.85 -3.89 19.73
CA VAL A 272 12.10 -3.65 19.05
C VAL A 272 12.54 -4.84 18.18
N SER A 273 13.50 -4.61 17.31
CA SER A 273 13.94 -5.67 16.42
C SER A 273 14.96 -6.53 17.14
N THR A 274 14.86 -7.85 16.92
CA THR A 274 15.70 -8.81 17.63
C THR A 274 15.58 -10.18 16.96
N LEU A 275 16.38 -11.14 17.40
CA LEU A 275 16.40 -12.43 16.74
C LEU A 275 15.09 -13.15 17.00
N VAL A 276 14.34 -13.45 15.95
CA VAL A 276 13.04 -14.14 16.14
C VAL A 276 12.97 -15.61 15.68
N GLN A 277 14.10 -16.19 15.34
CA GLN A 277 14.09 -17.57 14.91
C GLN A 277 13.40 -18.49 15.92
N GLY A 278 12.47 -19.32 15.48
CA GLY A 278 11.80 -20.14 16.48
C GLY A 278 10.65 -19.44 17.16
N MET A 279 10.32 -18.22 16.74
CA MET A 279 9.10 -17.56 17.20
C MET A 279 8.05 -17.52 16.11
N HIS A 280 6.85 -17.95 16.43
CA HIS A 280 5.72 -17.86 15.51
C HIS A 280 5.96 -18.54 14.17
N GLY A 281 6.74 -19.63 14.18
CA GLY A 281 6.98 -20.38 12.98
C GLY A 281 8.09 -19.81 12.10
N VAL A 282 8.82 -18.82 12.61
CA VAL A 282 9.94 -18.27 11.86
C VAL A 282 11.11 -19.24 11.85
N LYS A 283 11.48 -19.68 10.65
CA LYS A 283 12.52 -20.69 10.46
C LYS A 283 13.90 -20.04 10.40
N ASP A 284 13.99 -18.97 9.62
CA ASP A 284 15.27 -18.35 9.29
C ASP A 284 15.86 -17.45 10.38
N GLU A 285 17.18 -17.30 10.33
CA GLU A 285 17.88 -16.40 11.23
C GLU A 285 17.71 -14.96 10.76
N VAL A 286 16.65 -14.33 11.23
CA VAL A 286 16.39 -12.92 10.90
C VAL A 286 15.91 -12.14 12.11
N PHE A 287 15.88 -10.81 11.98
CA PHE A 287 15.41 -9.96 13.05
C PHE A 287 14.07 -9.31 12.71
N LEU A 288 13.16 -9.29 13.68
CA LEU A 288 11.90 -8.58 13.54
C LEU A 288 11.49 -7.98 14.88
N SER A 289 10.53 -7.06 14.87
CA SER A 289 10.05 -6.47 16.10
C SER A 289 9.02 -7.35 16.79
N VAL A 290 9.28 -7.64 18.05
CA VAL A 290 8.28 -8.18 18.96
C VAL A 290 8.51 -7.48 20.28
N PRO A 291 7.52 -7.51 21.20
CA PRO A 291 7.68 -6.86 22.50
C PRO A 291 8.89 -7.45 23.22
N CYS A 292 9.78 -6.59 23.67
CA CYS A 292 10.99 -7.06 24.34
C CYS A 292 11.26 -6.33 25.64
N VAL A 293 11.82 -7.04 26.61
CA VAL A 293 12.18 -6.47 27.90
C VAL A 293 13.54 -5.80 27.76
N LEU A 294 13.65 -4.54 28.17
CA LEU A 294 14.94 -3.85 28.11
C LEU A 294 15.45 -3.33 29.46
N GLY A 295 16.72 -3.61 29.74
CA GLY A 295 17.36 -3.12 30.95
C GLY A 295 18.81 -2.77 30.68
N ASN A 296 19.64 -2.66 31.73
CA ASN A 296 21.02 -2.28 31.54
C ASN A 296 21.91 -3.45 31.14
N SER A 297 21.32 -4.64 31.14
CA SER A 297 21.99 -5.82 30.61
C SER A 297 21.78 -5.88 29.10
N GLY A 298 20.81 -5.12 28.62
CA GLY A 298 20.46 -5.14 27.22
C GLY A 298 19.06 -5.69 27.03
N LEU A 299 18.85 -6.50 25.98
CA LEU A 299 17.55 -7.09 25.74
C LEU A 299 17.49 -8.47 26.40
N THR A 300 16.81 -8.53 27.55
CA THR A 300 16.85 -9.74 28.38
C THR A 300 15.77 -10.78 28.06
N ASP A 301 14.57 -10.33 27.65
CA ASP A 301 13.41 -11.21 27.47
C ASP A 301 12.58 -10.80 26.26
N VAL A 302 11.83 -11.74 25.72
CA VAL A 302 10.96 -11.42 24.62
C VAL A 302 9.58 -11.85 25.08
N ILE A 303 8.56 -11.19 24.56
CA ILE A 303 7.19 -11.54 24.87
C ILE A 303 6.63 -12.33 23.69
N HIS A 304 5.91 -13.42 23.99
CA HIS A 304 5.19 -14.19 22.98
C HIS A 304 3.75 -13.72 22.88
N MET A 305 3.45 -12.87 21.92
CA MET A 305 2.07 -12.43 21.72
C MET A 305 1.28 -13.60 21.13
N THR A 306 0.01 -13.71 21.48
CA THR A 306 -0.77 -14.79 20.89
C THR A 306 -1.34 -14.28 19.59
N LEU A 307 -0.60 -14.57 18.51
CA LEU A 307 -0.94 -14.09 17.20
C LEU A 307 -1.80 -15.10 16.45
N LYS A 308 -2.78 -14.57 15.75
CA LYS A 308 -3.62 -15.41 14.90
C LYS A 308 -2.76 -15.92 13.75
N ALA A 309 -3.25 -16.97 13.09
CA ALA A 309 -2.47 -17.67 12.09
C ALA A 309 -2.07 -16.75 10.96
N GLU A 310 -2.97 -15.89 10.54
CA GLU A 310 -2.64 -15.02 9.42
C GLU A 310 -1.65 -13.91 9.81
N GLU A 311 -1.29 -13.83 11.08
CA GLU A 311 -0.38 -12.81 11.52
C GLU A 311 1.01 -13.43 11.70
N GLU A 312 1.00 -14.73 12.02
CA GLU A 312 2.24 -15.49 12.09
C GLU A 312 2.74 -15.70 10.67
N LYS A 313 1.78 -15.87 9.77
CA LYS A 313 2.09 -16.05 8.37
C LYS A 313 2.81 -14.80 7.81
N GLN A 314 2.24 -13.61 8.01
CA GLN A 314 2.91 -12.37 7.59
C GLN A 314 4.34 -12.25 8.10
N LEU A 315 4.60 -12.75 9.31
CA LEU A 315 5.93 -12.64 9.90
C LEU A 315 6.89 -13.62 9.24
N GLN A 316 6.35 -14.76 8.81
CA GLN A 316 7.15 -15.79 8.16
C GLN A 316 7.52 -15.34 6.74
N LYS A 317 6.56 -14.75 6.04
CA LYS A 317 6.80 -14.24 4.70
C LYS A 317 7.85 -13.12 4.67
N SER A 318 7.81 -12.23 5.66
CA SER A 318 8.79 -11.17 5.77
C SER A 318 10.19 -11.76 6.01
N ALA A 319 10.28 -12.74 6.90
CA ALA A 319 11.57 -13.35 7.23
C ALA A 319 12.20 -13.98 5.99
N GLU A 320 11.35 -14.49 5.11
CA GLU A 320 11.83 -15.08 3.89
C GLU A 320 12.35 -14.01 2.93
N THR A 321 11.59 -12.90 2.84
CA THR A 321 11.98 -11.74 2.05
C THR A 321 13.24 -11.11 2.61
N LEU A 322 13.32 -11.07 3.94
CA LEU A 322 14.50 -10.54 4.62
C LEU A 322 15.67 -11.48 4.42
N TRP A 323 15.43 -12.77 4.63
CA TRP A 323 16.49 -13.72 4.42
C TRP A 323 16.85 -13.87 2.93
N GLY A 324 15.94 -13.44 2.06
CA GLY A 324 16.27 -13.45 0.65
C GLY A 324 17.46 -12.54 0.41
N VAL A 325 17.35 -11.31 0.89
CA VAL A 325 18.38 -10.29 0.76
C VAL A 325 19.66 -10.64 1.51
N GLN A 326 19.50 -11.18 2.71
CA GLN A 326 20.63 -11.43 3.59
C GLN A 326 21.62 -12.43 2.99
N LYS A 327 21.13 -13.33 2.15
CA LYS A 327 21.94 -14.48 1.70
C LYS A 327 22.76 -13.98 0.53
N GLU A 328 22.22 -12.96 -0.07
CA GLU A 328 22.98 -12.26 -1.04
C GLU A 328 24.05 -11.31 -0.48
N LEU A 329 24.19 -11.09 0.82
CA LEU A 329 25.09 -10.03 1.30
C LEU A 329 26.57 -10.46 1.42
N THR A 330 27.51 -9.53 1.19
CA THR A 330 28.91 -9.75 1.51
C THR A 330 29.11 -9.14 2.89
N LEU A 331 29.47 -9.98 3.86
CA LEU A 331 29.56 -9.54 5.25
C LEU A 331 30.99 -9.48 5.74
N SER B 2 25.17 -26.99 -18.69
CA SER B 2 23.76 -26.55 -18.90
C SER B 2 23.26 -26.98 -20.28
N THR B 3 22.24 -27.82 -20.29
CA THR B 3 21.62 -28.27 -21.52
C THR B 3 21.24 -27.04 -22.31
N LYS B 4 20.70 -26.08 -21.57
CA LYS B 4 20.21 -24.88 -22.17
C LYS B 4 21.32 -24.10 -22.87
N GLU B 5 22.44 -23.93 -22.17
CA GLU B 5 23.60 -23.23 -22.70
C GLU B 5 24.12 -23.92 -23.96
N LYS B 6 24.08 -25.24 -23.97
CA LYS B 6 24.53 -25.98 -25.12
C LYS B 6 23.63 -25.74 -26.32
N LEU B 7 22.32 -25.65 -26.06
CA LEU B 7 21.32 -25.62 -27.13
C LEU B 7 21.12 -24.23 -27.74
N ILE B 8 21.26 -23.20 -26.91
CA ILE B 8 20.86 -21.84 -27.28
C ILE B 8 21.98 -20.81 -27.01
N SER B 9 22.23 -19.92 -27.96
CA SER B 9 23.09 -18.76 -27.73
C SER B 9 22.31 -17.47 -27.86
N HIS B 10 22.57 -16.53 -26.97
CA HIS B 10 21.88 -15.25 -27.02
C HIS B 10 22.58 -14.30 -28.02
N VAL B 11 21.86 -13.67 -28.92
CA VAL B 11 22.54 -12.88 -29.93
C VAL B 11 22.08 -11.41 -29.95
N MET B 12 21.66 -10.92 -28.79
CA MET B 12 21.19 -9.56 -28.67
C MET B 12 21.91 -8.89 -27.51
N LYS B 13 22.71 -7.91 -27.88
CA LYS B 13 23.54 -7.14 -26.99
C LYS B 13 22.74 -6.36 -26.00
N GLU B 14 21.68 -5.73 -26.44
CA GLU B 14 20.82 -5.01 -25.57
C GLU B 14 19.69 -5.73 -24.91
N GLU B 15 19.33 -5.16 -23.79
CA GLU B 15 18.14 -5.41 -23.06
C GLU B 15 16.87 -5.37 -23.83
N PRO B 16 15.98 -6.27 -23.48
CA PRO B 16 14.72 -6.41 -24.15
C PRO B 16 13.79 -5.25 -23.97
N VAL B 17 13.18 -4.87 -25.06
CA VAL B 17 12.11 -3.90 -25.08
C VAL B 17 10.98 -4.26 -24.12
N GLY B 18 10.66 -5.53 -24.05
CA GLY B 18 9.64 -5.97 -23.11
C GLY B 18 8.21 -5.98 -23.64
N SER B 19 7.27 -6.25 -22.74
CA SER B 19 5.86 -6.36 -23.12
C SER B 19 5.23 -5.12 -23.63
N ARG B 20 4.63 -5.13 -24.77
CA ARG B 20 4.01 -3.94 -25.15
C ARG B 20 2.52 -3.75 -25.06
N SER B 21 1.73 -4.73 -24.68
CA SER B 21 0.32 -4.44 -24.45
C SER B 21 -0.10 -5.20 -23.22
N LYS B 22 0.68 -4.93 -22.18
CA LYS B 22 0.42 -5.49 -20.89
C LYS B 22 -0.92 -4.98 -20.36
N VAL B 23 -1.73 -5.91 -19.90
CA VAL B 23 -2.96 -5.60 -19.22
C VAL B 23 -2.81 -6.12 -17.81
N THR B 24 -3.37 -5.40 -16.85
CA THR B 24 -3.44 -5.92 -15.50
C THR B 24 -4.89 -6.05 -15.11
N VAL B 25 -5.21 -7.15 -14.43
CA VAL B 25 -6.52 -7.31 -13.83
C VAL B 25 -6.35 -7.39 -12.32
N VAL B 26 -6.90 -6.38 -11.63
CA VAL B 26 -6.86 -6.38 -10.18
C VAL B 26 -8.01 -7.19 -9.62
N GLY B 27 -7.68 -8.16 -8.76
CA GLY B 27 -8.71 -8.95 -8.10
C GLY B 27 -8.94 -10.29 -8.76
N VAL B 28 -8.77 -11.38 -8.00
CA VAL B 28 -9.00 -12.71 -8.53
C VAL B 28 -10.33 -13.33 -8.10
N GLY B 29 -11.35 -12.50 -8.00
CA GLY B 29 -12.69 -12.99 -7.82
C GLY B 29 -13.15 -13.56 -9.13
N MET B 30 -14.42 -13.97 -9.20
CA MET B 30 -14.89 -14.64 -10.40
C MET B 30 -14.96 -13.66 -11.57
N VAL B 31 -15.19 -12.39 -11.27
CA VAL B 31 -15.25 -11.39 -12.32
C VAL B 31 -13.86 -11.14 -12.91
N GLY B 32 -12.83 -11.19 -12.08
CA GLY B 32 -11.47 -11.02 -12.58
C GLY B 32 -11.01 -12.20 -13.42
N MET B 33 -11.27 -13.40 -12.93
CA MET B 33 -10.87 -14.62 -13.62
C MET B 33 -11.64 -14.72 -14.93
N ALA B 34 -12.93 -14.40 -14.91
CA ALA B 34 -13.71 -14.33 -16.13
C ALA B 34 -13.04 -13.37 -17.11
N SER B 35 -12.82 -12.12 -16.66
CA SER B 35 -12.11 -11.13 -17.47
C SER B 35 -10.83 -11.72 -18.06
N ALA B 36 -9.99 -12.28 -17.20
CA ALA B 36 -8.68 -12.80 -17.62
C ALA B 36 -8.70 -13.94 -18.64
N ILE B 37 -9.48 -14.98 -18.36
CA ILE B 37 -9.65 -16.10 -19.29
C ILE B 37 -10.23 -15.61 -20.63
N SER B 38 -11.08 -14.58 -20.57
CA SER B 38 -11.69 -13.99 -21.78
C SER B 38 -10.67 -13.18 -22.56
N ILE B 39 -9.82 -12.45 -21.83
CA ILE B 39 -8.75 -11.69 -22.46
C ILE B 39 -7.66 -12.63 -22.97
N LEU B 40 -7.44 -13.75 -22.27
CA LEU B 40 -6.40 -14.68 -22.71
C LEU B 40 -6.83 -15.44 -23.97
N LEU B 41 -8.02 -16.03 -23.92
CA LEU B 41 -8.52 -16.86 -25.01
C LEU B 41 -8.85 -16.04 -26.29
N LYS B 42 -9.12 -14.74 -26.12
CA LYS B 42 -9.29 -13.76 -27.24
C LYS B 42 -8.00 -13.34 -27.88
N ASP B 43 -6.91 -13.79 -27.27
CA ASP B 43 -5.60 -13.28 -27.65
C ASP B 43 -5.43 -11.76 -27.62
N LEU B 44 -5.68 -11.09 -26.51
CA LEU B 44 -5.74 -9.66 -26.65
C LEU B 44 -4.44 -8.88 -26.38
N CYS B 45 -3.55 -9.49 -25.60
CA CYS B 45 -2.38 -8.78 -25.08
C CYS B 45 -1.17 -9.71 -25.01
N ASP B 46 0.02 -9.14 -24.80
CA ASP B 46 1.21 -9.99 -24.74
C ASP B 46 1.69 -10.29 -23.31
N GLU B 47 1.19 -9.54 -22.33
CA GLU B 47 1.37 -9.90 -20.93
C GLU B 47 0.09 -9.63 -20.15
N LEU B 48 -0.32 -10.62 -19.36
CA LEU B 48 -1.43 -10.41 -18.45
C LEU B 48 -0.91 -10.50 -17.02
N ALA B 49 -1.22 -9.48 -16.22
CA ALA B 49 -0.87 -9.51 -14.83
C ALA B 49 -2.14 -9.48 -13.98
N MET B 50 -2.15 -10.29 -12.94
CA MET B 50 -3.21 -10.24 -11.95
C MET B 50 -2.66 -9.80 -10.61
N VAL B 51 -3.55 -9.35 -9.72
CA VAL B 51 -3.14 -8.81 -8.44
C VAL B 51 -4.34 -8.75 -7.49
N ASP B 52 -4.14 -9.24 -6.27
CA ASP B 52 -5.20 -9.30 -5.27
C ASP B 52 -4.55 -9.47 -3.91
N VAL B 53 -5.30 -9.16 -2.84
CA VAL B 53 -4.78 -9.33 -1.49
C VAL B 53 -4.86 -10.77 -0.95
N MET B 54 -5.83 -11.55 -1.45
CA MET B 54 -5.86 -12.99 -1.24
C MET B 54 -4.64 -13.59 -1.92
N GLU B 55 -3.48 -13.54 -1.27
CA GLU B 55 -2.22 -13.94 -1.91
C GLU B 55 -2.23 -15.39 -2.40
N ASP B 56 -2.63 -16.32 -1.53
CA ASP B 56 -2.67 -17.73 -1.92
C ASP B 56 -3.69 -17.98 -3.01
N LYS B 57 -4.89 -17.45 -2.85
CA LYS B 57 -5.93 -17.55 -3.88
C LYS B 57 -5.36 -17.07 -5.21
N LEU B 58 -4.58 -16.00 -5.12
CA LEU B 58 -3.89 -15.41 -6.25
C LEU B 58 -2.86 -16.36 -6.89
N LYS B 59 -1.99 -16.94 -6.07
CA LYS B 59 -0.98 -17.85 -6.62
C LYS B 59 -1.63 -19.06 -7.32
N GLY B 60 -2.70 -19.58 -6.73
CA GLY B 60 -3.43 -20.68 -7.35
C GLY B 60 -3.97 -20.31 -8.71
N GLU B 61 -4.67 -19.18 -8.78
CA GLU B 61 -5.23 -18.67 -10.02
C GLU B 61 -4.21 -18.56 -11.14
N VAL B 62 -3.13 -17.83 -10.86
CA VAL B 62 -2.15 -17.53 -11.87
C VAL B 62 -1.41 -18.80 -12.26
N MET B 63 -1.20 -19.70 -11.29
CA MET B 63 -0.51 -20.96 -11.56
C MET B 63 -1.37 -21.78 -12.52
N ASP B 64 -2.67 -21.81 -12.24
CA ASP B 64 -3.59 -22.56 -13.06
C ASP B 64 -3.55 -22.02 -14.49
N LEU B 65 -3.57 -20.71 -14.68
CA LEU B 65 -3.54 -20.15 -16.02
C LEU B 65 -2.15 -20.37 -16.63
N GLN B 66 -1.09 -20.20 -15.84
CA GLN B 66 0.21 -20.54 -16.38
C GLN B 66 0.25 -21.96 -16.93
N HIS B 67 -0.58 -22.88 -16.41
CA HIS B 67 -0.44 -24.25 -16.90
C HIS B 67 -1.01 -24.50 -18.29
N GLY B 68 -1.82 -23.57 -18.81
CA GLY B 68 -2.31 -23.72 -20.16
C GLY B 68 -1.63 -22.78 -21.15
N SER B 69 -0.38 -22.44 -20.88
CA SER B 69 0.34 -21.50 -21.71
C SER B 69 0.57 -22.01 -23.14
N LEU B 70 0.49 -23.32 -23.35
CA LEU B 70 0.70 -23.88 -24.68
C LEU B 70 -0.44 -23.49 -25.64
N PHE B 71 -1.62 -23.23 -25.09
CA PHE B 71 -2.76 -22.95 -25.94
C PHE B 71 -2.97 -21.46 -26.00
N LEU B 72 -2.02 -20.72 -25.42
CA LEU B 72 -2.16 -19.29 -25.36
C LEU B 72 -1.00 -18.58 -26.02
N LYS B 73 -1.12 -17.27 -26.08
CA LYS B 73 -0.08 -16.48 -26.68
C LYS B 73 0.25 -15.30 -25.80
N THR B 74 0.30 -15.48 -24.48
CA THR B 74 0.45 -14.29 -23.66
C THR B 74 1.27 -14.76 -22.48
N LYS B 75 2.16 -13.91 -21.99
CA LYS B 75 2.92 -14.21 -20.78
C LYS B 75 2.06 -13.86 -19.57
N ILE B 76 1.99 -14.79 -18.63
CA ILE B 76 1.09 -14.63 -17.49
C ILE B 76 1.85 -14.43 -16.19
N VAL B 77 1.51 -13.35 -15.47
CA VAL B 77 2.07 -13.13 -14.16
C VAL B 77 1.02 -12.74 -13.14
N GLY B 78 1.40 -12.82 -11.88
CA GLY B 78 0.50 -12.42 -10.80
C GLY B 78 1.34 -12.26 -9.54
N ASP B 79 1.03 -11.26 -8.72
CA ASP B 79 1.73 -11.10 -7.45
C ASP B 79 1.04 -10.15 -6.48
N LYS B 80 1.44 -10.22 -5.22
CA LYS B 80 0.84 -9.39 -4.17
C LYS B 80 1.37 -7.95 -4.26
N ASP B 81 2.62 -7.80 -4.66
CA ASP B 81 3.18 -6.49 -4.86
C ASP B 81 2.83 -5.94 -6.25
N TYR B 82 2.60 -4.63 -6.35
CA TYR B 82 2.18 -4.02 -7.61
C TYR B 82 3.25 -3.78 -8.68
N SER B 83 4.52 -3.95 -8.30
CA SER B 83 5.59 -3.86 -9.26
C SER B 83 5.34 -4.88 -10.38
N VAL B 84 4.59 -5.93 -10.06
CA VAL B 84 4.21 -6.91 -11.08
C VAL B 84 3.23 -6.30 -12.09
N THR B 85 2.52 -5.25 -11.70
CA THR B 85 1.62 -4.56 -12.63
C THR B 85 2.34 -3.53 -13.51
N ALA B 86 3.61 -3.27 -13.22
CA ALA B 86 4.37 -2.24 -13.92
C ALA B 86 4.21 -2.24 -15.43
N ASN B 87 3.88 -1.07 -15.96
CA ASN B 87 3.78 -0.80 -17.39
C ASN B 87 2.66 -1.53 -18.14
N SER B 88 1.50 -1.62 -17.49
CA SER B 88 0.33 -2.12 -18.15
C SER B 88 -0.26 -1.00 -18.98
N LYS B 89 -0.83 -1.38 -20.10
CA LYS B 89 -1.55 -0.40 -20.89
C LYS B 89 -2.97 -0.33 -20.36
N VAL B 90 -3.54 -1.43 -19.91
CA VAL B 90 -4.86 -1.28 -19.40
C VAL B 90 -4.83 -1.90 -18.04
N VAL B 91 -5.49 -1.27 -17.08
CA VAL B 91 -5.61 -1.84 -15.76
C VAL B 91 -7.09 -1.91 -15.41
N VAL B 92 -7.57 -3.15 -15.24
CA VAL B 92 -8.98 -3.39 -15.01
C VAL B 92 -9.25 -3.71 -13.53
N VAL B 93 -9.87 -2.75 -12.84
CA VAL B 93 -10.19 -2.89 -11.42
C VAL B 93 -11.50 -3.61 -11.19
N THR B 94 -11.42 -4.79 -10.57
CA THR B 94 -12.62 -5.58 -10.27
C THR B 94 -12.83 -5.79 -8.79
N ALA B 95 -11.89 -5.34 -7.97
CA ALA B 95 -12.00 -5.46 -6.51
C ALA B 95 -13.16 -4.65 -5.92
N GLY B 96 -13.92 -5.31 -5.04
CA GLY B 96 -15.04 -4.70 -4.38
C GLY B 96 -15.35 -5.41 -3.06
N ALA B 97 -16.32 -4.89 -2.31
CA ALA B 97 -16.59 -5.42 -0.98
C ALA B 97 -17.90 -6.20 -0.91
N GLU B 103 -26.55 -3.24 5.82
CA GLU B 103 -25.69 -2.07 5.83
C GLU B 103 -26.25 -0.90 5.04
N SER B 104 -25.91 0.30 5.48
CA SER B 104 -26.27 1.51 4.78
C SER B 104 -25.68 1.50 3.39
N ARG B 105 -26.29 2.24 2.48
CA ARG B 105 -25.83 2.33 1.09
C ARG B 105 -24.51 3.08 1.13
N LEU B 106 -24.50 4.18 1.87
CA LEU B 106 -23.29 4.95 2.12
C LEU B 106 -22.19 4.10 2.73
N ASN B 107 -22.52 3.36 3.77
CA ASN B 107 -21.56 2.45 4.37
C ASN B 107 -20.89 1.61 3.28
N LEU B 108 -21.71 0.92 2.50
CA LEU B 108 -21.22 0.02 1.46
C LEU B 108 -20.35 0.72 0.44
N VAL B 109 -20.74 1.92 0.05
CA VAL B 109 -19.97 2.68 -0.92
C VAL B 109 -18.61 3.02 -0.34
N GLN B 110 -18.61 3.67 0.82
CA GLN B 110 -17.38 4.10 1.47
C GLN B 110 -16.38 2.95 1.65
N ARG B 111 -16.87 1.77 2.00
CA ARG B 111 -16.01 0.60 2.19
C ARG B 111 -15.33 0.20 0.89
N ASN B 112 -15.99 0.48 -0.25
CA ASN B 112 -15.36 0.23 -1.55
C ASN B 112 -14.35 1.31 -1.87
N VAL B 113 -14.62 2.54 -1.44
CA VAL B 113 -13.69 3.64 -1.66
C VAL B 113 -12.42 3.44 -0.84
N ASN B 114 -12.54 2.84 0.34
CA ASN B 114 -11.37 2.59 1.16
C ASN B 114 -10.50 1.55 0.46
N ILE B 115 -11.14 0.59 -0.19
CA ILE B 115 -10.38 -0.44 -0.89
C ILE B 115 -9.69 0.24 -2.05
N PHE B 116 -10.42 1.09 -2.77
CA PHE B 116 -9.82 1.87 -3.84
C PHE B 116 -8.71 2.75 -3.32
N LYS B 117 -8.82 3.25 -2.11
CA LYS B 117 -7.72 4.07 -1.64
C LYS B 117 -6.42 3.30 -1.39
N PHE B 118 -6.46 1.98 -1.15
CA PHE B 118 -5.21 1.19 -1.15
C PHE B 118 -4.75 0.88 -2.63
N ILE B 119 -5.65 0.41 -3.48
CA ILE B 119 -5.30 -0.02 -4.85
C ILE B 119 -4.77 1.07 -5.80
N ILE B 120 -5.47 2.19 -5.88
CA ILE B 120 -5.21 3.16 -6.94
C ILE B 120 -3.76 3.71 -6.96
N PRO B 121 -3.26 4.23 -5.82
CA PRO B 121 -1.89 4.75 -5.74
C PRO B 121 -0.82 3.77 -6.19
N ASN B 122 -1.00 2.49 -5.90
CA ASN B 122 0.02 1.51 -6.29
C ASN B 122 -0.05 1.27 -7.78
N ILE B 123 -1.26 1.37 -8.33
CA ILE B 123 -1.46 1.26 -9.76
C ILE B 123 -0.81 2.43 -10.47
N VAL B 124 -1.05 3.65 -9.99
CA VAL B 124 -0.46 4.84 -10.62
C VAL B 124 1.06 4.81 -10.54
N LYS B 125 1.58 4.32 -9.42
CA LYS B 125 3.02 4.31 -9.18
C LYS B 125 3.77 3.52 -10.23
N TYR B 126 3.22 2.37 -10.62
CA TYR B 126 3.90 1.49 -11.56
C TYR B 126 3.37 1.59 -12.98
N SER B 127 2.26 2.30 -13.17
CA SER B 127 1.71 2.47 -14.50
C SER B 127 1.10 3.85 -14.69
N PRO B 128 1.94 4.88 -14.62
CA PRO B 128 1.50 6.27 -14.74
C PRO B 128 0.60 6.55 -15.91
N ASN B 129 0.95 6.08 -17.09
CA ASN B 129 0.16 6.41 -18.27
C ASN B 129 -0.86 5.36 -18.69
N CYS B 130 -1.22 4.47 -17.77
CA CYS B 130 -2.21 3.46 -18.07
C CYS B 130 -3.60 4.05 -18.14
N ILE B 131 -4.49 3.31 -18.77
CA ILE B 131 -5.90 3.61 -18.74
C ILE B 131 -6.49 2.76 -17.61
N LEU B 132 -7.45 3.33 -16.89
CA LEU B 132 -8.14 2.58 -15.87
C LEU B 132 -9.52 2.22 -16.39
N MET B 133 -9.85 0.93 -16.34
CA MET B 133 -11.21 0.48 -16.60
C MET B 133 -11.77 -0.03 -15.29
N VAL B 134 -12.77 0.67 -14.77
CA VAL B 134 -13.33 0.31 -13.48
C VAL B 134 -14.54 -0.60 -13.68
N VAL B 135 -14.58 -1.71 -12.95
CA VAL B 135 -15.69 -2.65 -13.10
C VAL B 135 -16.50 -2.83 -11.83
N SER B 136 -15.87 -2.66 -10.67
CA SER B 136 -16.58 -2.87 -9.41
C SER B 136 -17.78 -1.94 -9.19
N ASN B 137 -18.85 -2.52 -8.67
CA ASN B 137 -20.09 -1.80 -8.41
C ASN B 137 -20.07 -1.17 -7.04
N PRO B 138 -20.71 -0.02 -6.89
CA PRO B 138 -21.36 0.66 -8.02
C PRO B 138 -20.44 1.41 -8.98
N VAL B 139 -20.45 1.05 -10.25
CA VAL B 139 -19.43 1.46 -11.19
C VAL B 139 -19.41 2.95 -11.50
N ASP B 140 -20.56 3.63 -11.44
CA ASP B 140 -20.60 5.07 -11.74
C ASP B 140 -19.85 5.92 -10.73
N ILE B 141 -20.09 5.69 -9.45
CA ILE B 141 -19.40 6.45 -8.42
C ILE B 141 -17.95 5.98 -8.33
N LEU B 142 -17.72 4.68 -8.45
CA LEU B 142 -16.40 4.09 -8.28
C LEU B 142 -15.39 4.50 -9.36
N THR B 143 -15.86 4.66 -10.59
CA THR B 143 -15.05 5.24 -11.66
C THR B 143 -14.75 6.71 -11.32
N TYR B 144 -15.68 7.38 -10.65
CA TYR B 144 -15.47 8.75 -10.23
C TYR B 144 -14.34 8.82 -9.23
N VAL B 145 -14.40 7.93 -8.25
CA VAL B 145 -13.42 7.87 -7.18
C VAL B 145 -12.02 7.70 -7.73
N ALA B 146 -11.87 6.75 -8.67
CA ALA B 146 -10.57 6.46 -9.25
C ALA B 146 -10.03 7.62 -10.04
N TRP B 147 -10.93 8.42 -10.62
CA TRP B 147 -10.52 9.59 -11.38
C TRP B 147 -9.89 10.71 -10.51
N LYS B 148 -10.40 10.92 -9.31
CA LYS B 148 -9.77 11.83 -8.34
C LYS B 148 -8.62 11.12 -7.64
N LEU B 149 -8.87 9.90 -7.20
CA LEU B 149 -7.84 9.14 -6.56
C LEU B 149 -6.56 9.16 -7.41
N SER B 150 -6.71 9.04 -8.73
CA SER B 150 -5.56 8.91 -9.64
C SER B 150 -4.94 10.21 -10.16
N GLY B 151 -5.78 11.18 -10.52
CA GLY B 151 -5.25 12.46 -10.98
C GLY B 151 -5.21 12.50 -12.49
N PHE B 152 -5.50 11.35 -13.07
CA PHE B 152 -5.45 11.12 -14.51
C PHE B 152 -6.43 12.00 -15.27
N PRO B 153 -6.16 12.28 -16.55
CA PRO B 153 -7.15 12.94 -17.38
C PRO B 153 -8.41 12.09 -17.51
N ARG B 154 -9.55 12.73 -17.78
CA ARG B 154 -10.81 12.00 -17.91
C ARG B 154 -10.74 10.94 -19.00
N HIS B 155 -9.83 11.09 -19.96
CA HIS B 155 -9.80 10.16 -21.06
C HIS B 155 -9.02 8.88 -20.76
N ARG B 156 -8.38 8.82 -19.59
CA ARG B 156 -7.71 7.59 -19.19
C ARG B 156 -8.26 6.91 -17.95
N VAL B 157 -9.47 7.28 -17.55
CA VAL B 157 -10.23 6.58 -16.51
C VAL B 157 -11.64 6.30 -17.03
N ILE B 158 -11.99 5.02 -17.16
CA ILE B 158 -13.25 4.65 -17.78
C ILE B 158 -14.08 3.68 -16.93
N GLY B 159 -15.40 3.79 -17.03
CA GLY B 159 -16.29 2.87 -16.34
C GLY B 159 -16.99 1.91 -17.29
N SER B 160 -17.04 0.63 -16.92
CA SER B 160 -17.71 -0.36 -17.75
C SER B 160 -19.17 0.03 -17.88
N GLY B 161 -19.70 0.69 -16.86
CA GLY B 161 -21.06 1.21 -16.91
C GLY B 161 -22.09 0.22 -17.42
N THR B 162 -22.75 0.60 -18.50
CA THR B 162 -23.88 -0.17 -19.03
C THR B 162 -23.45 -1.01 -20.22
N ASN B 163 -22.15 -1.29 -20.34
CA ASN B 163 -21.71 -2.06 -21.48
C ASN B 163 -22.34 -3.46 -21.52
N LEU B 164 -22.19 -4.22 -20.44
CA LEU B 164 -22.82 -5.54 -20.39
C LEU B 164 -24.35 -5.47 -20.52
N ASP B 165 -25.00 -4.55 -19.81
CA ASP B 165 -26.45 -4.47 -19.85
C ASP B 165 -27.01 -4.17 -21.24
N SER B 166 -26.29 -3.34 -22.00
CA SER B 166 -26.71 -3.09 -23.37
C SER B 166 -26.56 -4.34 -24.24
N ALA B 167 -25.47 -5.09 -24.03
CA ALA B 167 -25.30 -6.37 -24.73
C ALA B 167 -26.41 -7.34 -24.36
N ARG B 168 -26.73 -7.41 -23.07
CA ARG B 168 -27.84 -8.22 -22.59
C ARG B 168 -29.16 -7.82 -23.24
N PHE B 169 -29.42 -6.52 -23.34
CA PHE B 169 -30.64 -6.01 -23.97
C PHE B 169 -30.77 -6.53 -25.41
N ARG B 170 -29.63 -6.58 -26.13
CA ARG B 170 -29.64 -7.02 -27.52
C ARG B 170 -29.80 -8.54 -27.61
N HIS B 171 -29.23 -9.25 -26.64
CA HIS B 171 -29.46 -10.68 -26.52
C HIS B 171 -30.95 -11.00 -26.33
N LEU B 172 -31.60 -10.34 -25.39
CA LEU B 172 -33.01 -10.56 -25.11
C LEU B 172 -33.92 -10.10 -26.25
N ILE B 173 -33.49 -9.10 -27.00
CA ILE B 173 -34.26 -8.69 -28.17
C ILE B 173 -34.03 -9.64 -29.34
N GLY B 174 -32.81 -10.16 -29.44
CA GLY B 174 -32.54 -11.17 -30.46
C GLY B 174 -33.34 -12.45 -30.24
N GLU B 175 -33.48 -12.86 -28.99
CA GLU B 175 -34.20 -14.09 -28.70
C GLU B 175 -35.67 -13.94 -29.01
N LYS B 176 -36.21 -12.76 -28.81
CA LYS B 176 -37.62 -12.57 -29.09
C LYS B 176 -37.84 -12.44 -30.59
N LEU B 177 -36.86 -11.88 -31.31
CA LEU B 177 -37.06 -11.76 -32.75
C LEU B 177 -36.42 -12.92 -33.51
N HIS B 178 -35.75 -13.80 -32.78
CA HIS B 178 -35.05 -14.93 -33.38
C HIS B 178 -33.96 -14.44 -34.33
N LEU B 179 -33.22 -13.42 -33.88
CA LEU B 179 -32.08 -12.89 -34.59
C LEU B 179 -30.82 -12.97 -33.72
N HIS B 180 -29.65 -12.95 -34.34
CA HIS B 180 -28.42 -12.88 -33.56
C HIS B 180 -28.38 -11.52 -32.90
N PRO B 181 -27.84 -11.47 -31.68
CA PRO B 181 -27.77 -10.20 -30.98
C PRO B 181 -27.13 -9.15 -31.82
N SER B 182 -26.26 -9.56 -32.75
CA SER B 182 -25.41 -8.58 -33.42
C SER B 182 -26.18 -7.83 -34.44
N SER B 183 -27.36 -8.35 -34.80
CA SER B 183 -28.28 -7.72 -35.75
C SER B 183 -29.31 -6.82 -35.05
N CYS B 184 -29.45 -7.00 -33.73
CA CYS B 184 -30.34 -6.19 -32.91
C CYS B 184 -29.62 -5.04 -32.23
N HIS B 185 -30.06 -3.83 -32.52
CA HIS B 185 -29.38 -2.66 -32.00
C HIS B 185 -30.25 -1.93 -31.01
N ALA B 186 -29.72 -1.74 -29.81
CA ALA B 186 -30.43 -1.03 -28.75
C ALA B 186 -29.46 -0.53 -27.69
N TRP B 187 -29.79 0.60 -27.08
CA TRP B 187 -28.89 1.21 -26.11
C TRP B 187 -29.52 1.48 -24.75
N ILE B 188 -28.77 1.11 -23.71
CA ILE B 188 -29.11 1.49 -22.35
C ILE B 188 -28.07 2.44 -21.79
N VAL B 189 -28.49 3.63 -21.37
CA VAL B 189 -27.56 4.64 -20.87
C VAL B 189 -27.87 5.18 -19.47
N GLY B 190 -26.98 6.05 -19.00
CA GLY B 190 -27.16 6.67 -17.70
C GLY B 190 -26.61 5.89 -16.54
N GLU B 191 -27.37 5.87 -15.45
CA GLU B 191 -26.96 5.19 -14.24
C GLU B 191 -27.20 3.69 -14.31
N HIS B 192 -26.11 2.96 -14.13
CA HIS B 192 -26.13 1.52 -14.21
C HIS B 192 -27.02 0.91 -13.13
N GLY B 193 -28.07 0.20 -13.55
CA GLY B 193 -28.98 -0.38 -12.59
C GLY B 193 -30.39 0.12 -12.77
N ASP B 194 -31.17 0.07 -11.70
CA ASP B 194 -32.58 0.41 -11.72
C ASP B 194 -32.95 1.61 -12.57
N SER B 195 -32.10 2.63 -12.54
CA SER B 195 -32.47 3.91 -13.12
C SER B 195 -31.90 4.12 -14.52
N SER B 196 -31.30 3.08 -15.12
CA SER B 196 -30.69 3.26 -16.43
C SER B 196 -31.76 3.44 -17.49
N VAL B 197 -31.40 4.09 -18.60
CA VAL B 197 -32.40 4.46 -19.59
C VAL B 197 -32.31 3.70 -20.90
N PRO B 198 -33.33 2.88 -21.17
CA PRO B 198 -33.45 2.18 -22.46
C PRO B 198 -33.94 3.15 -23.50
N VAL B 199 -33.10 3.49 -24.47
CA VAL B 199 -33.45 4.52 -25.45
C VAL B 199 -34.26 3.91 -26.59
N TRP B 200 -35.58 3.95 -26.46
CA TRP B 200 -36.47 3.27 -27.41
C TRP B 200 -36.37 3.76 -28.85
N SER B 201 -36.05 5.03 -29.06
CA SER B 201 -35.92 5.57 -30.43
C SER B 201 -34.76 4.96 -31.23
N GLY B 202 -33.80 4.36 -30.53
CA GLY B 202 -32.62 3.79 -31.18
C GLY B 202 -32.71 2.30 -31.47
N VAL B 203 -33.73 1.64 -30.93
CA VAL B 203 -33.79 0.19 -31.08
C VAL B 203 -34.26 -0.23 -32.47
N ASN B 204 -33.39 -0.89 -33.22
CA ASN B 204 -33.73 -1.08 -34.62
C ASN B 204 -33.06 -2.37 -35.03
N VAL B 205 -33.55 -2.95 -36.12
CA VAL B 205 -32.81 -3.98 -36.82
C VAL B 205 -32.60 -3.45 -38.23
N ALA B 206 -31.34 -3.39 -38.65
CA ALA B 206 -31.01 -2.94 -40.00
C ALA B 206 -31.59 -1.55 -40.27
N GLY B 207 -31.67 -0.76 -39.20
CA GLY B 207 -32.08 0.64 -39.34
C GLY B 207 -33.59 0.82 -39.38
N VAL B 208 -34.33 -0.26 -39.16
CA VAL B 208 -35.78 -0.12 -39.12
C VAL B 208 -36.17 0.12 -37.66
N SER B 209 -36.71 1.32 -37.41
CA SER B 209 -37.09 1.74 -36.07
C SER B 209 -38.18 0.84 -35.50
N LEU B 210 -37.91 0.27 -34.36
CA LEU B 210 -38.86 -0.58 -33.71
C LEU B 210 -40.00 0.25 -33.08
N GLN B 211 -39.66 1.31 -32.39
CA GLN B 211 -40.66 2.21 -31.84
C GLN B 211 -41.54 2.68 -33.00
N GLY B 212 -40.94 2.87 -34.16
CA GLY B 212 -41.67 3.24 -35.36
C GLY B 212 -42.79 2.27 -35.70
N LEU B 213 -42.53 0.97 -35.54
CA LEU B 213 -43.55 -0.05 -35.79
C LEU B 213 -44.43 -0.28 -34.57
N ASN B 214 -43.91 0.08 -33.40
CA ASN B 214 -44.67 -0.02 -32.15
C ASN B 214 -44.50 1.27 -31.36
N PRO B 215 -45.32 2.28 -31.65
CA PRO B 215 -45.18 3.61 -31.05
C PRO B 215 -45.35 3.65 -29.54
N GLN B 216 -46.03 2.65 -28.99
CA GLN B 216 -46.25 2.58 -27.55
C GLN B 216 -45.16 1.75 -26.84
N MET B 217 -44.16 1.32 -27.60
CA MET B 217 -43.02 0.57 -27.04
C MET B 217 -42.51 1.18 -25.74
N GLY B 218 -42.48 0.36 -24.68
CA GLY B 218 -41.90 0.76 -23.42
C GLY B 218 -42.82 1.58 -22.52
N THR B 219 -44.00 1.96 -23.02
CA THR B 219 -44.95 2.71 -22.20
C THR B 219 -46.05 1.79 -21.65
N GLU B 220 -46.87 2.31 -20.75
CA GLU B 220 -47.94 1.51 -20.16
C GLU B 220 -49.01 1.16 -21.20
N GLY B 221 -49.03 1.90 -22.31
CA GLY B 221 -49.88 1.56 -23.43
C GLY B 221 -49.31 0.50 -24.39
N ASP B 222 -48.10 0.01 -24.10
CA ASP B 222 -47.44 -1.00 -24.94
C ASP B 222 -48.17 -2.32 -24.89
N GLY B 223 -48.68 -2.74 -26.04
CA GLY B 223 -49.32 -4.04 -26.09
C GLY B 223 -48.35 -5.16 -25.81
N GLU B 224 -47.04 -4.94 -25.93
CA GLU B 224 -46.09 -6.05 -25.88
C GLU B 224 -45.12 -6.08 -24.71
N ASN B 225 -45.22 -5.11 -23.80
CA ASN B 225 -44.38 -5.09 -22.62
C ASN B 225 -42.88 -5.14 -22.93
N TRP B 226 -42.40 -4.16 -23.69
CA TRP B 226 -40.97 -4.03 -23.93
C TRP B 226 -40.27 -3.52 -22.67
N LYS B 227 -41.03 -2.84 -21.81
CA LYS B 227 -40.50 -2.35 -20.54
C LYS B 227 -39.96 -3.50 -19.68
N ALA B 228 -40.67 -4.61 -19.66
CA ALA B 228 -40.24 -5.79 -18.89
C ALA B 228 -38.92 -6.32 -19.42
N ILE B 229 -38.65 -6.10 -20.71
CA ILE B 229 -37.37 -6.55 -21.26
C ILE B 229 -36.22 -5.78 -20.62
N HIS B 230 -36.41 -4.48 -20.43
CA HIS B 230 -35.40 -3.70 -19.73
C HIS B 230 -35.30 -4.08 -18.24
N LYS B 231 -36.44 -4.23 -17.57
CA LYS B 231 -36.38 -4.60 -16.17
C LYS B 231 -35.64 -5.95 -16.04
N GLU B 232 -35.90 -6.84 -16.98
CA GLU B 232 -35.21 -8.13 -17.05
C GLU B 232 -33.69 -7.94 -17.14
N VAL B 233 -33.26 -7.02 -18.00
CA VAL B 233 -31.83 -6.70 -18.12
C VAL B 233 -31.27 -6.34 -16.75
N VAL B 234 -31.88 -5.36 -16.07
CA VAL B 234 -31.34 -4.84 -14.82
C VAL B 234 -31.37 -5.85 -13.68
N ASP B 235 -32.36 -6.73 -13.70
CA ASP B 235 -32.51 -7.76 -12.69
C ASP B 235 -31.59 -8.92 -13.01
N GLY B 236 -30.78 -8.74 -14.05
CA GLY B 236 -29.92 -9.80 -14.55
C GLY B 236 -28.98 -10.38 -13.53
N ALA B 237 -28.12 -9.55 -12.95
CA ALA B 237 -27.19 -10.01 -11.94
C ALA B 237 -27.90 -10.80 -10.84
N TYR B 238 -28.99 -10.23 -10.32
CA TYR B 238 -29.72 -10.83 -9.20
C TYR B 238 -30.31 -12.22 -9.48
N GLU B 239 -30.92 -12.40 -10.66
CA GLU B 239 -31.46 -13.70 -11.01
C GLU B 239 -30.35 -14.75 -11.05
N VAL B 240 -29.26 -14.44 -11.73
CA VAL B 240 -28.15 -15.39 -11.85
C VAL B 240 -27.60 -15.75 -10.47
N ILE B 241 -27.46 -14.73 -9.62
CA ILE B 241 -26.94 -14.88 -8.28
C ILE B 241 -27.88 -15.77 -7.46
N LYS B 242 -29.17 -15.56 -7.65
CA LYS B 242 -30.21 -16.30 -6.97
C LYS B 242 -30.09 -17.79 -7.32
N LEU B 243 -29.54 -18.06 -8.50
CA LEU B 243 -29.42 -19.42 -8.98
C LEU B 243 -28.08 -20.08 -8.68
N LYS B 244 -26.98 -19.31 -8.74
CA LYS B 244 -25.67 -19.91 -8.53
C LYS B 244 -24.76 -19.14 -7.58
N GLY B 245 -25.31 -18.18 -6.86
CA GLY B 245 -24.57 -17.54 -5.79
C GLY B 245 -23.46 -16.63 -6.27
N TYR B 246 -23.41 -16.39 -7.58
CA TYR B 246 -22.43 -15.48 -8.16
C TYR B 246 -22.69 -15.26 -9.64
N THR B 247 -22.05 -14.25 -10.20
CA THR B 247 -22.14 -13.98 -11.63
C THR B 247 -20.78 -13.47 -12.10
N SER B 248 -20.31 -13.97 -13.25
CA SER B 248 -19.01 -13.56 -13.75
C SER B 248 -18.81 -13.69 -15.26
N TRP B 249 -19.49 -14.64 -15.90
CA TRP B 249 -19.17 -14.98 -17.29
C TRP B 249 -19.50 -13.92 -18.33
N ALA B 250 -20.73 -13.41 -18.35
CA ALA B 250 -21.09 -12.35 -19.30
C ALA B 250 -20.25 -11.10 -19.05
N ILE B 251 -20.01 -10.78 -17.79
CA ILE B 251 -19.22 -9.61 -17.43
C ILE B 251 -17.79 -9.69 -17.94
N GLY B 252 -17.22 -10.90 -17.88
CA GLY B 252 -15.87 -11.11 -18.33
C GLY B 252 -15.73 -10.95 -19.83
N MET B 253 -16.71 -11.47 -20.57
CA MET B 253 -16.72 -11.33 -22.02
C MET B 253 -16.83 -9.85 -22.40
N SER B 254 -17.65 -9.12 -21.63
CA SER B 254 -17.87 -7.70 -21.87
C SER B 254 -16.60 -6.90 -21.61
N VAL B 255 -15.82 -7.31 -20.61
CA VAL B 255 -14.56 -6.68 -20.33
C VAL B 255 -13.56 -6.85 -21.49
N ALA B 256 -13.41 -8.06 -22.00
CA ALA B 256 -12.56 -8.34 -23.16
C ALA B 256 -12.97 -7.54 -24.41
N ASP B 257 -14.28 -7.43 -24.64
CA ASP B 257 -14.82 -6.59 -25.70
C ASP B 257 -14.30 -5.15 -25.58
N LEU B 258 -14.40 -4.57 -24.39
CA LEU B 258 -13.93 -3.20 -24.17
C LEU B 258 -12.41 -3.13 -24.31
N VAL B 259 -11.72 -4.05 -23.66
CA VAL B 259 -10.25 -4.08 -23.74
C VAL B 259 -9.71 -4.27 -25.16
N GLU B 260 -10.37 -5.09 -25.97
CA GLU B 260 -9.93 -5.25 -27.36
C GLU B 260 -10.06 -3.95 -28.16
N SER B 261 -11.11 -3.19 -27.91
CA SER B 261 -11.29 -1.91 -28.56
C SER B 261 -10.16 -0.94 -28.24
N ILE B 262 -9.69 -0.95 -27.00
CA ILE B 262 -8.63 -0.05 -26.58
C ILE B 262 -7.29 -0.53 -27.10
N ILE B 263 -6.97 -1.76 -26.76
CA ILE B 263 -5.67 -2.29 -27.08
C ILE B 263 -5.38 -2.17 -28.55
N LYS B 264 -6.43 -2.23 -29.38
CA LYS B 264 -6.21 -2.32 -30.82
C LYS B 264 -6.59 -1.01 -31.45
N ASN B 265 -6.87 -0.02 -30.61
CA ASN B 265 -7.16 1.30 -31.13
C ASN B 265 -8.25 1.35 -32.22
N MET B 266 -9.35 0.65 -32.00
CA MET B 266 -10.40 0.55 -33.02
C MET B 266 -11.30 1.77 -33.19
N HIS B 267 -11.22 2.74 -32.28
CA HIS B 267 -12.14 3.89 -32.32
C HIS B 267 -13.58 3.38 -32.42
N LYS B 268 -13.92 2.43 -31.56
CA LYS B 268 -15.20 1.74 -31.59
C LYS B 268 -16.14 2.33 -30.54
N VAL B 269 -17.43 2.39 -30.84
CA VAL B 269 -18.38 3.00 -29.91
C VAL B 269 -18.96 2.04 -28.90
N HIS B 270 -18.74 2.36 -27.63
CA HIS B 270 -19.24 1.57 -26.53
C HIS B 270 -20.00 2.44 -25.52
N PRO B 271 -21.09 1.90 -25.01
CA PRO B 271 -21.84 2.55 -23.92
C PRO B 271 -21.04 2.31 -22.64
N VAL B 272 -20.31 3.34 -22.20
CA VAL B 272 -19.47 3.23 -21.01
C VAL B 272 -19.61 4.45 -20.10
N SER B 273 -19.09 4.34 -18.88
CA SER B 273 -19.26 5.37 -17.88
C SER B 273 -18.13 6.42 -17.93
N THR B 274 -18.51 7.65 -18.26
CA THR B 274 -17.55 8.76 -18.34
C THR B 274 -18.13 10.02 -17.74
N LEU B 275 -17.32 11.06 -17.60
CA LEU B 275 -17.80 12.30 -16.97
C LEU B 275 -18.85 12.92 -17.85
N VAL B 276 -20.05 13.17 -17.30
CA VAL B 276 -21.13 13.71 -18.12
C VAL B 276 -21.61 15.11 -17.77
N GLN B 277 -20.78 15.85 -17.05
CA GLN B 277 -21.07 17.25 -16.74
C GLN B 277 -21.16 18.06 -18.03
N GLY B 278 -22.31 18.71 -18.25
CA GLY B 278 -22.46 19.53 -19.43
C GLY B 278 -23.16 18.84 -20.58
N MET B 279 -23.65 17.64 -20.33
CA MET B 279 -24.38 16.89 -21.35
C MET B 279 -25.77 16.64 -20.82
N HIS B 280 -26.78 17.00 -21.61
CA HIS B 280 -28.15 16.62 -21.32
C HIS B 280 -28.64 17.29 -20.04
N GLY B 281 -28.03 18.42 -19.70
CA GLY B 281 -28.42 19.20 -18.53
C GLY B 281 -27.94 18.61 -17.22
N VAL B 282 -26.72 18.07 -17.22
CA VAL B 282 -26.15 17.54 -15.99
C VAL B 282 -25.17 18.56 -15.42
N LYS B 283 -25.42 18.98 -14.18
CA LYS B 283 -24.67 20.06 -13.56
C LYS B 283 -23.53 19.51 -12.71
N ASP B 284 -23.81 18.44 -11.99
CA ASP B 284 -22.79 17.86 -11.12
C ASP B 284 -21.75 17.03 -11.85
N GLU B 285 -20.67 16.72 -11.14
CA GLU B 285 -19.54 15.98 -11.65
C GLU B 285 -19.83 14.53 -11.33
N VAL B 286 -20.50 13.87 -12.25
CA VAL B 286 -20.94 12.51 -12.02
C VAL B 286 -20.35 11.77 -13.18
N PHE B 287 -20.42 10.46 -13.17
CA PHE B 287 -19.98 9.72 -14.33
C PHE B 287 -21.23 8.96 -14.64
N LEU B 288 -21.52 8.86 -15.91
CA LEU B 288 -22.68 8.13 -16.36
C LEU B 288 -22.32 7.50 -17.67
N SER B 289 -23.12 6.52 -18.08
CA SER B 289 -22.90 5.86 -19.36
C SER B 289 -23.56 6.61 -20.51
N VAL B 290 -22.76 6.90 -21.53
CA VAL B 290 -23.24 7.31 -22.83
C VAL B 290 -22.39 6.61 -23.88
N PRO B 291 -22.75 6.72 -25.16
CA PRO B 291 -21.94 6.16 -26.23
C PRO B 291 -20.60 6.88 -26.30
N CYS B 292 -19.50 6.13 -26.23
CA CYS B 292 -18.16 6.75 -26.29
C CYS B 292 -17.22 6.03 -27.24
N VAL B 293 -16.29 6.79 -27.82
CA VAL B 293 -15.29 6.23 -28.72
C VAL B 293 -14.11 5.76 -27.89
N LEU B 294 -13.67 4.53 -28.14
CA LEU B 294 -12.55 3.93 -27.41
C LEU B 294 -11.36 3.58 -28.32
N GLY B 295 -10.17 3.96 -27.88
CA GLY B 295 -8.97 3.67 -28.64
C GLY B 295 -7.82 3.41 -27.71
N ASN B 296 -6.60 3.32 -28.25
CA ASN B 296 -5.45 3.10 -27.38
C ASN B 296 -4.98 4.37 -26.66
N SER B 297 -5.74 5.45 -26.85
CA SER B 297 -5.54 6.68 -26.08
C SER B 297 -6.56 6.75 -24.94
N GLY B 298 -7.42 5.75 -24.86
CA GLY B 298 -8.49 5.76 -23.89
C GLY B 298 -9.82 6.20 -24.49
N LEU B 299 -10.62 6.90 -23.69
CA LEU B 299 -11.93 7.38 -24.14
C LEU B 299 -11.79 8.76 -24.76
N THR B 300 -11.75 8.80 -26.09
CA THR B 300 -11.37 10.01 -26.81
C THR B 300 -12.54 10.90 -27.19
N ASP B 301 -13.72 10.32 -27.34
CA ASP B 301 -14.85 11.04 -27.90
C ASP B 301 -16.16 10.62 -27.29
N VAL B 302 -17.06 11.57 -27.12
CA VAL B 302 -18.40 11.23 -26.67
C VAL B 302 -19.47 11.47 -27.74
N ILE B 303 -20.49 10.62 -27.72
CA ILE B 303 -21.60 10.78 -28.65
C ILE B 303 -22.76 11.46 -27.92
N HIS B 304 -23.34 12.46 -28.56
CA HIS B 304 -24.50 13.15 -28.03
C HIS B 304 -25.79 12.55 -28.60
N MET B 305 -26.40 11.63 -27.88
CA MET B 305 -27.67 11.06 -28.29
C MET B 305 -28.72 12.17 -28.26
N THR B 306 -29.69 12.11 -29.17
CA THR B 306 -30.80 13.05 -29.06
C THR B 306 -31.86 12.41 -28.18
N LEU B 307 -32.01 12.95 -26.97
CA LEU B 307 -32.91 12.36 -26.00
C LEU B 307 -34.12 13.24 -25.74
N LYS B 308 -35.26 12.59 -25.53
CA LYS B 308 -36.48 13.28 -25.15
C LYS B 308 -36.22 13.86 -23.75
N ALA B 309 -36.91 14.95 -23.45
CA ALA B 309 -36.74 15.61 -22.17
C ALA B 309 -36.93 14.65 -21.00
N GLU B 310 -37.83 13.69 -21.16
CA GLU B 310 -38.10 12.69 -20.13
C GLU B 310 -36.90 11.80 -19.82
N GLU B 311 -36.17 11.37 -20.84
CA GLU B 311 -34.96 10.61 -20.61
C GLU B 311 -33.83 11.48 -20.08
N GLU B 312 -33.66 12.70 -20.59
CA GLU B 312 -32.64 13.61 -20.05
C GLU B 312 -32.89 13.83 -18.57
N LYS B 313 -34.17 13.91 -18.22
CA LYS B 313 -34.60 14.16 -16.85
C LYS B 313 -34.11 13.06 -15.91
N GLN B 314 -34.27 11.81 -16.35
CA GLN B 314 -33.79 10.66 -15.60
C GLN B 314 -32.29 10.68 -15.38
N LEU B 315 -31.54 11.09 -16.40
CA LEU B 315 -30.08 11.21 -16.26
C LEU B 315 -29.76 12.27 -15.23
N GLN B 316 -30.53 13.35 -15.26
CA GLN B 316 -30.33 14.46 -14.34
C GLN B 316 -30.62 14.01 -12.91
N LYS B 317 -31.77 13.39 -12.70
CA LYS B 317 -32.11 12.89 -11.38
C LYS B 317 -31.06 11.90 -10.85
N SER B 318 -30.46 11.11 -11.74
CA SER B 318 -29.45 10.15 -11.32
C SER B 318 -28.17 10.86 -10.93
N ALA B 319 -27.83 11.87 -11.70
CA ALA B 319 -26.66 12.63 -11.37
C ALA B 319 -26.79 13.22 -9.96
N GLU B 320 -27.98 13.68 -9.59
CA GLU B 320 -28.14 14.25 -8.25
C GLU B 320 -28.10 13.12 -7.21
N THR B 321 -28.67 11.95 -7.54
CA THR B 321 -28.62 10.81 -6.63
C THR B 321 -27.12 10.55 -6.36
N LEU B 322 -26.33 10.48 -7.43
CA LEU B 322 -24.92 10.12 -7.29
C LEU B 322 -24.10 11.24 -6.65
N TRP B 323 -24.65 12.45 -6.63
CA TRP B 323 -23.90 13.53 -6.01
C TRP B 323 -24.28 13.67 -4.53
N GLY B 324 -25.43 13.13 -4.15
CA GLY B 324 -25.80 13.12 -2.75
C GLY B 324 -24.94 12.14 -1.96
N VAL B 325 -24.59 11.03 -2.61
CA VAL B 325 -23.75 10.01 -2.03
C VAL B 325 -22.29 10.45 -1.97
N GLN B 326 -21.82 11.09 -3.04
CA GLN B 326 -20.41 11.41 -3.17
C GLN B 326 -19.90 12.50 -2.22
N LYS B 327 -20.67 13.56 -2.05
CA LYS B 327 -20.25 14.67 -1.20
C LYS B 327 -20.02 14.16 0.23
N GLU B 328 -20.66 13.04 0.56
CA GLU B 328 -20.54 12.44 1.89
C GLU B 328 -19.40 11.42 1.96
N LEU B 329 -18.63 11.33 0.87
CA LEU B 329 -17.56 10.36 0.79
C LEU B 329 -16.22 10.91 1.23
N THR B 330 -15.52 10.10 2.01
CA THR B 330 -14.17 10.44 2.44
C THR B 330 -13.21 9.78 1.46
N LEU B 331 -12.40 10.59 0.80
CA LEU B 331 -11.53 10.09 -0.25
C LEU B 331 -10.06 10.15 0.19
#